data_4J1Y
#
_entry.id   4J1Y
#
_cell.length_a   149.890
_cell.length_b   158.900
_cell.length_c   78.700
_cell.angle_alpha   90.00
_cell.angle_beta   90.00
_cell.angle_gamma   90.00
#
_symmetry.space_group_name_H-M   'C 2 2 2'
#
loop_
_entity.id
_entity.type
_entity.pdbx_description
1 polymer 'Complement C1s subcomponent'
2 water water
#
_entity_poly.entity_id   1
_entity_poly.type   'polypeptide(L)'
_entity_poly.pdbx_seq_one_letter_code
;MPCPKEDTPNSVWEPAKAKYVFRDVVQITCLDGFEVVEGRVGATSFYSTCQSNGKWSNSKLKCQPVDCGIPESIENGKVE
DPESTLFGSVIRYTCEEPYYYMENGGGGEYHCAGNGSWVNEVLGPELPKCVPVCGVPREPFEEKARAIGGSDADIKNFPW
QVFFDNPWAGGALINEYWVLTAAHVVEGNREPTMYVGSTSVQTSRLAKSKMLTPEHVFIHPGWKLLEVPEGRTNFDNDIA
LVRLKDPVKMGPTVSPICLPGTSSDYNLMDGDLGLISGWGRTEKRDRAVRLKAARLPVAPLRKCKEVKVEKPTADAEAYV
FTPNMICAGGEKGMDSCKGDSGGAFAVQDPNDKTKFYAAGLVSWGPQCGTYGLYTRVKNYVDWIMKTMQENSTPRED
;
_entity_poly.pdbx_strand_id   A,B
#
# COMPACT_ATOMS: atom_id res chain seq x y z
N MET A 1 58.96 50.25 -17.37
CA MET A 1 59.38 50.17 -15.96
C MET A 1 58.26 49.64 -15.06
N PRO A 2 57.06 50.23 -15.12
CA PRO A 2 56.03 49.61 -14.28
C PRO A 2 55.24 48.56 -15.08
N CYS A 3 54.67 47.58 -14.39
CA CYS A 3 53.83 46.57 -15.03
C CYS A 3 52.37 46.87 -14.87
N PRO A 4 51.64 47.00 -15.99
CA PRO A 4 50.20 47.31 -15.92
C PRO A 4 49.47 46.06 -15.47
N LYS A 5 48.31 46.20 -14.84
CA LYS A 5 47.45 45.06 -14.51
C LYS A 5 46.39 44.93 -15.58
N GLU A 6 46.46 43.85 -16.37
CA GLU A 6 45.50 43.67 -17.45
C GLU A 6 44.17 43.17 -16.90
N ASP A 7 43.20 43.03 -17.79
CA ASP A 7 41.86 42.55 -17.45
C ASP A 7 41.93 41.27 -16.62
N THR A 8 41.22 41.25 -15.50
CA THR A 8 41.30 40.11 -14.58
C THR A 8 39.97 39.35 -14.28
N PRO A 9 39.09 39.20 -15.27
CA PRO A 9 38.00 38.30 -14.87
C PRO A 9 38.61 36.90 -14.69
N ASN A 10 37.88 36.02 -14.00
CA ASN A 10 38.36 34.64 -13.80
C ASN A 10 39.48 34.46 -12.79
N SER A 11 40.09 35.55 -12.34
CA SER A 11 41.17 35.46 -11.36
C SER A 11 41.18 36.59 -10.34
N VAL A 12 41.90 36.33 -9.26
CA VAL A 12 42.16 37.32 -8.21
C VAL A 12 43.68 37.39 -7.95
N TRP A 13 44.21 38.60 -7.77
CA TRP A 13 45.66 38.84 -7.56
C TRP A 13 45.99 39.32 -6.13
N GLU A 14 46.83 38.59 -5.41
CA GLU A 14 47.34 39.05 -4.13
C GLU A 14 48.83 39.39 -4.27
N PRO A 15 49.23 40.62 -3.95
CA PRO A 15 48.39 41.72 -3.47
C PRO A 15 47.74 42.47 -4.63
N ALA A 16 46.57 43.03 -4.39
CA ALA A 16 45.88 43.78 -5.42
C ALA A 16 46.29 45.25 -5.38
N LYS A 17 47.03 45.67 -6.40
CA LYS A 17 47.49 47.05 -6.46
C LYS A 17 47.08 47.71 -7.77
N ALA A 18 47.15 49.03 -7.81
CA ALA A 18 46.76 49.79 -9.00
C ALA A 18 47.88 49.74 -10.03
N LYS A 19 49.10 49.90 -9.53
CA LYS A 19 50.32 50.02 -10.31
C LYS A 19 51.39 49.15 -9.65
N TYR A 20 51.94 48.20 -10.41
CA TYR A 20 52.94 47.27 -9.92
C TYR A 20 54.34 47.69 -10.44
N VAL A 21 55.42 47.35 -9.76
CA VAL A 21 56.73 47.81 -10.22
C VAL A 21 57.75 46.65 -10.39
N PHE A 22 58.86 46.92 -11.08
CA PHE A 22 59.92 45.93 -11.28
C PHE A 22 60.26 45.23 -10.00
N ARG A 23 60.22 43.90 -10.08
CA ARG A 23 60.43 42.94 -8.96
C ARG A 23 59.17 42.60 -8.12
N ASP A 24 58.04 43.26 -8.37
CA ASP A 24 56.85 42.93 -7.63
C ASP A 24 56.38 41.46 -7.90
N VAL A 25 56.05 40.73 -6.84
CA VAL A 25 55.56 39.37 -7.04
C VAL A 25 54.09 39.27 -6.65
N VAL A 26 53.33 38.69 -7.56
CA VAL A 26 51.88 38.62 -7.39
C VAL A 26 51.46 37.17 -7.31
N GLN A 27 50.60 36.84 -6.36
CA GLN A 27 50.02 35.49 -6.39
C GLN A 27 48.71 35.60 -7.11
N ILE A 28 48.54 34.72 -8.10
CA ILE A 28 47.32 34.71 -8.90
C ILE A 28 46.51 33.48 -8.57
N THR A 29 45.27 33.70 -8.16
CA THR A 29 44.35 32.59 -7.89
C THR A 29 43.17 32.61 -8.87
N CYS A 30 42.89 31.50 -9.55
CA CYS A 30 41.70 31.40 -10.41
C CYS A 30 40.48 31.29 -9.53
N LEU A 31 39.37 31.89 -9.96
CA LEU A 31 38.09 31.72 -9.27
C LEU A 31 37.70 30.26 -9.37
N ASP A 32 36.94 29.79 -8.37
CA ASP A 32 36.38 28.44 -8.38
C ASP A 32 35.72 28.21 -9.73
N GLY A 33 36.07 27.10 -10.39
CA GLY A 33 35.54 26.77 -11.70
C GLY A 33 36.54 27.06 -12.79
N PHE A 34 37.68 27.61 -12.41
CA PHE A 34 38.60 28.05 -13.42
C PHE A 34 39.98 27.52 -13.11
N GLU A 35 40.76 27.29 -14.16
CA GLU A 35 42.08 26.70 -14.02
C GLU A 35 42.99 27.10 -15.15
N VAL A 36 44.28 26.97 -14.91
CA VAL A 36 45.24 27.18 -15.97
C VAL A 36 45.79 25.84 -16.39
N VAL A 37 45.51 25.42 -17.62
CA VAL A 37 45.88 24.08 -18.03
C VAL A 37 47.23 24.11 -18.76
N GLU A 38 48.23 23.52 -18.12
CA GLU A 38 49.56 23.47 -18.68
C GLU A 38 50.14 22.10 -18.36
N GLY A 39 50.57 21.39 -19.39
CA GLY A 39 51.02 20.04 -19.20
C GLY A 39 49.92 19.17 -18.62
N ARG A 40 50.27 18.46 -17.54
CA ARG A 40 49.38 17.52 -16.85
C ARG A 40 48.53 18.16 -15.68
N VAL A 41 48.70 19.47 -15.48
CA VAL A 41 48.10 20.09 -14.32
C VAL A 41 47.03 21.09 -14.74
N GLY A 42 46.00 21.20 -13.90
CA GLY A 42 45.09 22.32 -13.94
C GLY A 42 45.42 23.17 -12.72
N ALA A 43 46.32 24.14 -12.89
CA ALA A 43 46.77 25.01 -11.77
C ALA A 43 45.68 25.95 -11.32
N THR A 44 45.46 26.07 -10.03
CA THR A 44 44.41 27.00 -9.61
C THR A 44 45.02 28.26 -8.98
N SER A 45 46.31 28.20 -8.69
CA SER A 45 47.05 29.39 -8.28
C SER A 45 48.53 29.23 -8.69
N PHE A 46 49.19 30.39 -8.83
CA PHE A 46 50.57 30.49 -9.29
C PHE A 46 51.13 31.88 -9.05
N TYR A 47 52.44 32.01 -9.18
CA TYR A 47 53.07 33.29 -9.00
C TYR A 47 53.36 33.89 -10.36
N SER A 48 53.34 35.23 -10.44
CA SER A 48 53.86 35.93 -11.60
C SER A 48 54.64 37.18 -11.17
N THR A 49 55.78 37.45 -11.83
CA THR A 49 56.59 38.60 -11.39
C THR A 49 56.77 39.70 -12.44
N CYS A 50 56.79 40.95 -11.97
CA CYS A 50 56.91 42.10 -12.85
C CYS A 50 58.37 42.31 -13.28
N GLN A 51 58.62 42.14 -14.58
CA GLN A 51 59.96 42.19 -15.12
C GLN A 51 60.43 43.60 -15.45
N SER A 52 61.71 43.73 -15.81
CA SER A 52 62.26 45.09 -16.03
C SER A 52 61.66 45.74 -17.28
N ASN A 53 61.09 44.92 -18.17
CA ASN A 53 60.49 45.46 -19.39
C ASN A 53 58.97 45.74 -19.28
N GLY A 54 58.42 45.68 -18.07
CA GLY A 54 57.00 45.96 -17.85
C GLY A 54 56.04 44.84 -18.19
N LYS A 55 56.59 43.73 -18.70
CA LYS A 55 55.78 42.56 -18.98
C LYS A 55 55.82 41.63 -17.78
N TRP A 56 54.71 40.94 -17.51
CA TRP A 56 54.68 39.94 -16.46
C TRP A 56 55.34 38.61 -16.84
N SER A 57 55.97 37.94 -15.87
CA SER A 57 56.76 36.72 -16.15
C SER A 57 55.86 35.62 -16.68
N ASN A 58 54.63 35.61 -16.18
CA ASN A 58 53.72 34.63 -16.70
C ASN A 58 52.50 35.23 -17.30
N SER A 59 52.72 36.26 -18.13
CA SER A 59 51.61 36.91 -18.81
C SER A 59 51.11 35.80 -19.71
N LYS A 60 49.98 35.95 -20.35
CA LYS A 60 49.59 34.90 -21.29
C LYS A 60 49.18 33.52 -20.75
N LEU A 61 49.56 33.22 -19.51
CA LEU A 61 48.87 32.15 -18.76
C LEU A 61 47.47 32.65 -18.45
N LYS A 62 46.42 32.00 -18.92
CA LYS A 62 45.09 32.51 -18.65
C LYS A 62 44.23 31.45 -17.95
N CYS A 63 43.38 31.91 -17.03
CA CYS A 63 42.42 31.06 -16.38
C CYS A 63 41.25 30.77 -17.32
N GLN A 64 40.99 29.50 -17.57
CA GLN A 64 39.89 29.13 -18.43
C GLN A 64 38.94 28.21 -17.63
N PRO A 65 37.67 28.07 -18.06
CA PRO A 65 36.67 27.21 -17.39
C PRO A 65 37.11 25.74 -17.35
N VAL A 66 36.99 25.07 -16.20
CA VAL A 66 37.28 23.63 -16.15
C VAL A 66 36.31 22.83 -17.01
N ASP A 67 36.80 21.70 -17.49
CA ASP A 67 36.03 20.78 -18.30
C ASP A 67 35.70 19.60 -17.45
N CYS A 68 34.41 19.37 -17.20
CA CYS A 68 33.99 18.19 -16.46
C CYS A 68 34.08 16.92 -17.32
N GLY A 69 34.20 17.09 -18.64
CA GLY A 69 34.41 15.99 -19.56
C GLY A 69 33.12 15.27 -19.93
N ILE A 70 33.16 14.45 -20.97
CA ILE A 70 31.97 13.69 -21.40
C ILE A 70 31.40 12.85 -20.27
N PRO A 71 30.09 12.98 -20.02
CA PRO A 71 29.37 12.32 -18.94
C PRO A 71 29.39 10.77 -19.04
N GLU A 72 29.59 10.13 -17.90
CA GLU A 72 29.53 8.69 -17.82
C GLU A 72 28.11 8.26 -18.13
N SER A 73 27.97 7.06 -18.70
CA SER A 73 26.63 6.52 -19.00
C SER A 73 26.13 5.70 -17.82
N ILE A 74 24.84 5.40 -17.84
CA ILE A 74 24.28 4.47 -16.85
C ILE A 74 23.52 3.31 -17.47
N GLU A 75 23.44 2.21 -16.71
CA GLU A 75 22.65 1.06 -17.13
C GLU A 75 21.15 1.37 -17.19
N ASN A 76 20.55 1.00 -18.32
CA ASN A 76 19.13 1.21 -18.55
C ASN A 76 18.76 2.68 -18.53
N GLY A 77 19.71 3.50 -18.92
CA GLY A 77 19.52 4.94 -19.00
C GLY A 77 20.32 5.61 -20.09
N LYS A 78 19.91 6.82 -20.41
CA LYS A 78 20.60 7.62 -21.38
C LYS A 78 20.89 9.00 -20.78
N VAL A 79 21.91 9.66 -21.31
CA VAL A 79 22.11 11.05 -20.95
C VAL A 79 22.01 11.83 -22.24
N GLU A 80 21.20 12.88 -22.22
CA GLU A 80 20.93 13.73 -23.36
C GLU A 80 22.28 14.34 -23.79
N ASP A 81 22.48 14.49 -25.10
CA ASP A 81 23.73 15.06 -25.62
C ASP A 81 23.90 16.51 -25.22
N PRO A 82 24.93 16.78 -24.40
CA PRO A 82 25.20 18.06 -23.72
C PRO A 82 25.69 19.18 -24.62
N GLU A 83 25.30 20.43 -24.31
CA GLU A 83 25.77 21.52 -25.17
C GLU A 83 27.18 21.99 -24.98
N SER A 84 27.68 22.00 -23.75
CA SER A 84 29.07 21.89 -23.46
C SER A 84 29.27 21.06 -22.23
N THR A 85 30.53 20.80 -21.92
CA THR A 85 30.87 20.07 -20.72
C THR A 85 31.70 21.01 -19.83
N LEU A 86 31.67 22.32 -20.11
CA LEU A 86 32.47 23.26 -19.28
C LEU A 86 31.76 23.66 -17.97
N PHE A 87 32.51 24.31 -17.11
CA PHE A 87 32.01 24.79 -15.83
C PHE A 87 30.63 25.44 -15.95
N GLY A 88 29.69 24.97 -15.11
CA GLY A 88 28.37 25.55 -15.06
C GLY A 88 27.36 24.94 -15.99
N SER A 89 27.82 24.03 -16.84
CA SER A 89 27.00 23.31 -17.80
C SER A 89 26.06 22.33 -17.15
N VAL A 90 24.94 22.09 -17.81
CA VAL A 90 23.91 21.18 -17.27
C VAL A 90 23.64 19.92 -18.14
N ILE A 91 23.76 18.74 -17.54
CA ILE A 91 23.37 17.54 -18.26
C ILE A 91 22.14 16.93 -17.59
N ARG A 92 21.41 16.11 -18.35
CA ARG A 92 20.18 15.47 -17.83
C ARG A 92 20.19 13.97 -18.11
N TYR A 93 20.26 13.18 -17.04
CA TYR A 93 20.03 11.74 -17.12
C TYR A 93 18.54 11.36 -17.12
N THR A 94 18.16 10.38 -17.92
CA THR A 94 16.82 9.77 -17.81
C THR A 94 16.95 8.27 -17.94
N CYS A 95 15.94 7.55 -17.44
CA CYS A 95 15.91 6.09 -17.46
C CYS A 95 15.09 5.66 -18.66
N GLU A 96 15.25 4.41 -19.10
CA GLU A 96 14.47 3.89 -20.23
C GLU A 96 13.00 3.66 -19.84
N GLU A 97 12.16 4.65 -20.05
CA GLU A 97 10.75 4.51 -19.73
C GLU A 97 10.01 3.79 -20.86
N PRO A 98 8.94 3.05 -20.52
CA PRO A 98 8.43 2.94 -19.15
C PRO A 98 8.97 1.72 -18.41
N TYR A 99 9.90 0.97 -18.99
CA TYR A 99 10.35 -0.26 -18.36
C TYR A 99 11.24 -0.02 -17.14
N TYR A 100 11.73 1.21 -16.97
CA TYR A 100 12.65 1.53 -15.86
C TYR A 100 12.26 2.86 -15.31
N TYR A 101 12.56 3.09 -14.03
CA TYR A 101 12.40 4.41 -13.39
C TYR A 101 13.65 4.73 -12.58
N MET A 102 13.87 6.00 -12.28
CA MET A 102 15.02 6.44 -11.49
C MET A 102 14.80 6.34 -9.98
N GLU A 103 15.68 5.58 -9.33
CA GLU A 103 15.61 5.29 -7.89
C GLU A 103 16.00 6.49 -7.04
N ASN A 104 15.03 7.10 -6.37
CA ASN A 104 15.27 8.31 -5.58
C ASN A 104 16.03 9.37 -6.40
N GLY A 105 15.43 9.69 -7.54
CA GLY A 105 16.05 10.57 -8.50
C GLY A 105 16.26 11.92 -7.86
N GLY A 106 17.43 12.48 -8.06
CA GLY A 106 17.66 13.88 -7.78
C GLY A 106 17.07 14.66 -8.93
N GLY A 107 16.40 13.94 -9.83
CA GLY A 107 15.84 14.49 -11.04
C GLY A 107 16.75 14.14 -12.22
N GLY A 108 17.95 13.68 -11.91
CA GLY A 108 18.89 13.39 -12.96
C GLY A 108 19.57 14.57 -13.63
N GLU A 109 19.36 15.78 -13.12
CA GLU A 109 20.06 16.96 -13.60
C GLU A 109 21.38 17.03 -12.86
N TYR A 110 22.49 16.99 -13.60
CA TYR A 110 23.81 17.24 -13.03
C TYR A 110 24.42 18.54 -13.56
N HIS A 111 25.24 19.20 -12.75
CA HIS A 111 25.96 20.35 -13.29
C HIS A 111 27.47 20.22 -13.13
N CYS A 112 28.21 20.82 -14.04
CA CYS A 112 29.66 20.82 -13.95
C CYS A 112 30.20 21.80 -12.90
N ALA A 113 30.64 21.25 -11.78
CA ALA A 113 31.08 22.06 -10.64
C ALA A 113 32.55 22.55 -10.77
N GLY A 114 32.91 23.42 -9.84
CA GLY A 114 34.19 24.09 -9.85
C GLY A 114 35.36 23.16 -9.82
N ASN A 115 35.24 22.03 -9.13
CA ASN A 115 36.37 21.10 -9.08
C ASN A 115 36.48 20.11 -10.27
N GLY A 116 35.71 20.34 -11.33
CA GLY A 116 35.79 19.47 -12.49
C GLY A 116 34.90 18.23 -12.47
N SER A 117 34.10 18.00 -11.42
CA SER A 117 33.20 16.85 -11.49
C SER A 117 31.70 17.19 -11.58
N TRP A 118 30.96 16.32 -12.26
CA TRP A 118 29.51 16.46 -12.43
C TRP A 118 28.86 16.12 -11.11
N VAL A 119 28.03 17.03 -10.60
CA VAL A 119 27.42 16.85 -9.30
C VAL A 119 25.91 17.11 -9.35
N ASN A 120 25.20 16.42 -8.49
CA ASN A 120 23.75 16.58 -8.40
C ASN A 120 23.40 17.17 -7.05
N GLU A 121 22.36 18.00 -7.03
CA GLU A 121 21.95 18.72 -5.83
C GLU A 121 21.86 17.79 -4.60
N VAL A 122 21.26 16.61 -4.78
CA VAL A 122 21.09 15.67 -3.67
C VAL A 122 22.11 14.52 -3.62
N LEU A 123 22.47 13.96 -4.78
CA LEU A 123 23.44 12.85 -4.86
C LEU A 123 24.91 13.21 -4.89
N GLY A 124 25.23 14.49 -5.00
CA GLY A 124 26.63 14.84 -5.11
C GLY A 124 27.12 14.29 -6.43
N PRO A 125 28.26 13.60 -6.42
CA PRO A 125 28.75 13.10 -7.71
C PRO A 125 28.32 11.68 -8.02
N GLU A 126 27.47 11.08 -7.21
CA GLU A 126 26.97 9.72 -7.52
C GLU A 126 25.98 9.74 -8.68
N LEU A 127 26.12 8.80 -9.60
CA LEU A 127 25.18 8.71 -10.72
C LEU A 127 23.81 8.04 -10.37
N PRO A 128 22.74 8.43 -11.09
CA PRO A 128 21.45 7.81 -10.86
C PRO A 128 21.51 6.30 -11.11
N LYS A 129 20.70 5.56 -10.34
CA LYS A 129 20.48 4.16 -10.56
C LYS A 129 19.14 4.00 -11.26
N CYS A 130 19.13 3.32 -12.40
CA CYS A 130 17.91 2.99 -13.13
C CYS A 130 17.44 1.57 -12.84
N VAL A 131 16.30 1.42 -12.18
CA VAL A 131 15.82 0.09 -11.75
C VAL A 131 14.49 -0.28 -12.42
N PRO A 132 14.22 -1.60 -12.57
CA PRO A 132 13.00 -2.08 -13.26
C PRO A 132 11.70 -1.65 -12.60
N VAL A 133 10.78 -1.17 -13.43
CA VAL A 133 9.39 -0.95 -13.05
C VAL A 133 8.63 -2.28 -12.98
N CYS A 134 8.04 -2.59 -11.84
CA CYS A 134 7.36 -3.86 -11.65
C CYS A 134 5.86 -3.77 -11.89
N GLY A 135 5.23 -4.89 -12.25
CA GLY A 135 3.77 -4.96 -12.27
C GLY A 135 2.94 -4.32 -13.37
N VAL A 136 3.51 -3.46 -14.21
CA VAL A 136 2.66 -2.80 -15.21
C VAL A 136 2.84 -3.38 -16.61
N PRO A 137 1.83 -4.07 -17.13
CA PRO A 137 1.89 -4.70 -18.45
C PRO A 137 1.54 -3.75 -19.59
N ARG A 138 2.21 -3.95 -20.72
CA ARG A 138 2.09 -3.06 -21.88
C ARG A 138 0.63 -3.13 -22.37
N GLU A 139 0.11 -4.34 -22.47
CA GLU A 139 -1.25 -4.65 -22.94
C GLU A 139 -1.93 -5.56 -21.90
N PRO A 140 -3.05 -5.12 -21.34
CA PRO A 140 -3.68 -5.92 -20.28
C PRO A 140 -4.63 -6.99 -20.80
N PHE A 141 -4.97 -7.89 -19.89
CA PHE A 141 -5.88 -8.95 -20.23
C PHE A 141 -7.30 -8.50 -19.89
N ILE A 148 -15.70 -18.45 -18.40
CA ILE A 148 -15.50 -18.77 -19.81
C ILE A 148 -14.65 -20.06 -19.97
N GLY A 149 -13.75 -20.28 -19.00
CA GLY A 149 -12.84 -21.40 -19.06
C GLY A 149 -11.45 -20.97 -19.49
N GLY A 150 -11.32 -19.71 -19.90
CA GLY A 150 -10.03 -19.18 -20.31
C GLY A 150 -9.90 -18.81 -21.79
N SER A 151 -9.02 -17.85 -22.07
CA SER A 151 -8.94 -17.25 -23.40
C SER A 151 -7.49 -17.24 -23.89
N ASP A 152 -7.29 -16.67 -25.06
CA ASP A 152 -5.95 -16.46 -25.57
C ASP A 152 -5.31 -15.21 -25.00
N ALA A 153 -4.03 -15.32 -24.69
CA ALA A 153 -3.28 -14.24 -24.09
C ALA A 153 -2.13 -13.95 -25.01
N ASP A 154 -1.52 -12.76 -24.86
CA ASP A 154 -0.25 -12.46 -25.50
C ASP A 154 0.75 -12.37 -24.37
N ILE A 155 2.03 -12.53 -24.69
CA ILE A 155 3.04 -12.51 -23.63
C ILE A 155 3.10 -11.11 -23.01
N LYS A 156 2.66 -10.12 -23.76
CA LYS A 156 2.55 -8.76 -23.22
C LYS A 156 1.54 -8.65 -22.08
N ASN A 157 0.52 -9.53 -22.03
CA ASN A 157 -0.42 -9.50 -20.91
C ASN A 157 0.21 -10.03 -19.63
N PHE A 158 1.29 -10.79 -19.76
CA PHE A 158 1.91 -11.46 -18.62
C PHE A 158 3.41 -11.48 -18.79
N PRO A 159 4.01 -10.28 -18.86
CA PRO A 159 5.43 -10.22 -19.19
C PRO A 159 6.29 -10.87 -18.13
N TRP A 160 5.71 -11.21 -16.98
CA TRP A 160 6.48 -11.76 -15.88
C TRP A 160 6.53 -13.27 -15.92
N GLN A 161 5.77 -13.84 -16.84
CA GLN A 161 5.72 -15.31 -16.97
C GLN A 161 7.06 -15.92 -17.37
N VAL A 162 7.60 -16.77 -16.50
CA VAL A 162 8.79 -17.51 -16.90
C VAL A 162 8.40 -18.98 -17.25
N PHE A 163 8.76 -19.40 -18.46
CA PHE A 163 8.51 -20.77 -18.89
C PHE A 163 9.66 -21.68 -18.49
N PHE A 164 9.37 -22.73 -17.74
CA PHE A 164 10.35 -23.75 -17.37
C PHE A 164 10.16 -24.95 -18.30
N ASP A 165 11.18 -25.74 -18.57
CA ASP A 165 11.08 -26.62 -19.72
C ASP A 165 11.21 -28.12 -19.45
N ASN A 166 11.86 -28.58 -18.39
CA ASN A 166 12.04 -30.04 -18.35
C ASN A 166 11.67 -30.67 -17.01
N PRO A 167 10.36 -30.84 -16.75
CA PRO A 167 9.23 -30.57 -17.64
C PRO A 167 8.69 -29.16 -17.67
N TRP A 168 7.64 -29.02 -18.48
CA TRP A 168 6.90 -27.77 -18.59
C TRP A 168 6.37 -27.32 -17.24
N ALA A 169 6.74 -26.10 -16.85
CA ALA A 169 6.23 -25.50 -15.64
C ALA A 169 6.40 -23.98 -15.77
N GLY A 170 6.22 -23.25 -14.69
CA GLY A 170 6.26 -21.81 -14.82
C GLY A 170 6.84 -21.17 -13.59
N GLY A 171 6.81 -19.85 -13.57
CA GLY A 171 7.35 -19.07 -12.49
C GLY A 171 7.09 -17.64 -12.89
N ALA A 172 7.50 -16.72 -12.01
CA ALA A 172 7.24 -15.29 -12.19
C ALA A 172 8.48 -14.46 -11.92
N LEU A 173 8.78 -13.57 -12.85
CA LEU A 173 9.96 -12.74 -12.74
C LEU A 173 9.65 -11.63 -11.74
N ILE A 174 10.44 -11.50 -10.66
CA ILE A 174 10.18 -10.46 -9.66
C ILE A 174 11.20 -9.34 -9.56
N ASN A 175 12.41 -9.56 -10.07
CA ASN A 175 13.31 -8.47 -10.43
C ASN A 175 14.25 -8.98 -11.56
N GLU A 176 15.36 -8.28 -11.77
CA GLU A 176 16.25 -8.57 -12.87
C GLU A 176 17.14 -9.76 -12.61
N TYR A 177 17.22 -10.15 -11.34
CA TYR A 177 18.05 -11.27 -10.92
C TYR A 177 17.26 -12.41 -10.29
N TRP A 178 15.95 -12.26 -10.13
CA TRP A 178 15.19 -13.28 -9.40
C TRP A 178 13.85 -13.67 -10.03
N VAL A 179 13.63 -14.98 -10.09
CA VAL A 179 12.39 -15.59 -10.53
C VAL A 179 11.74 -16.19 -9.30
N LEU A 180 10.45 -15.92 -9.17
CA LEU A 180 9.69 -16.48 -8.07
C LEU A 180 8.98 -17.67 -8.62
N THR A 181 9.05 -18.79 -7.90
CA THR A 181 8.30 -19.96 -8.35
C THR A 181 7.91 -20.88 -7.20
N ALA A 182 7.20 -21.96 -7.53
CA ALA A 182 6.81 -23.00 -6.57
C ALA A 182 7.94 -23.97 -6.24
N ALA A 183 8.02 -24.37 -4.97
CA ALA A 183 9.05 -25.31 -4.55
C ALA A 183 8.89 -26.67 -5.25
N HIS A 184 7.65 -27.08 -5.51
CA HIS A 184 7.35 -28.34 -6.21
CA HIS A 184 7.47 -28.37 -6.15
C HIS A 184 8.03 -28.36 -7.58
N VAL A 185 8.15 -27.16 -8.18
CA VAL A 185 8.72 -27.02 -9.51
C VAL A 185 10.24 -27.22 -9.55
N VAL A 186 10.91 -26.89 -8.45
CA VAL A 186 12.37 -26.92 -8.41
C VAL A 186 13.03 -28.00 -7.52
N GLU A 187 12.27 -28.64 -6.63
CA GLU A 187 12.85 -29.70 -5.80
C GLU A 187 13.48 -30.80 -6.67
N GLY A 188 12.92 -30.96 -7.87
CA GLY A 188 13.45 -31.83 -8.91
C GLY A 188 14.67 -31.27 -9.63
N ASN A 189 14.52 -30.17 -10.38
CA ASN A 189 15.67 -29.56 -11.07
C ASN A 189 16.23 -28.29 -10.41
N ARG A 190 17.38 -28.44 -9.79
CA ARG A 190 18.05 -27.34 -9.12
C ARG A 190 18.73 -26.39 -10.09
N GLU A 191 18.85 -26.79 -11.34
CA GLU A 191 19.42 -25.91 -12.37
C GLU A 191 18.40 -25.77 -13.49
N PRO A 192 17.29 -25.09 -13.21
CA PRO A 192 16.18 -25.14 -14.16
C PRO A 192 16.45 -24.40 -15.45
N THR A 193 15.88 -24.91 -16.54
CA THR A 193 15.93 -24.20 -17.80
C THR A 193 14.69 -23.31 -17.86
N MET A 194 14.95 -22.02 -18.10
CA MET A 194 13.91 -21.00 -18.05
C MET A 194 13.89 -20.12 -19.30
N TYR A 195 12.72 -19.69 -19.77
CA TYR A 195 12.66 -18.84 -20.95
C TYR A 195 11.64 -17.75 -20.82
N VAL A 196 11.87 -16.61 -21.48
CA VAL A 196 10.96 -15.47 -21.39
C VAL A 196 10.70 -14.75 -22.73
N GLY A 197 9.66 -13.93 -22.84
CA GLY A 197 9.54 -13.03 -23.99
C GLY A 197 8.78 -13.47 -25.24
N SER A 198 8.25 -14.69 -25.23
CA SER A 198 7.46 -15.17 -26.35
C SER A 198 6.04 -15.61 -26.01
N THR A 199 5.06 -15.30 -26.87
CA THR A 199 3.72 -15.81 -26.66
C THR A 199 3.60 -17.30 -26.93
N SER A 200 4.37 -17.79 -27.90
CA SER A 200 4.30 -19.20 -28.21
C SER A 200 5.53 -19.97 -27.66
N VAL A 201 5.32 -21.28 -27.50
CA VAL A 201 6.36 -22.23 -27.11
C VAL A 201 6.39 -23.38 -28.09
N GLN A 202 7.59 -23.76 -28.51
CA GLN A 202 7.72 -24.89 -29.43
C GLN A 202 9.07 -25.52 -29.15
N THR A 203 9.04 -26.72 -28.61
CA THR A 203 10.27 -27.39 -28.14
C THR A 203 11.44 -27.38 -29.13
N SER A 204 11.13 -27.64 -30.39
CA SER A 204 12.16 -27.60 -31.41
C SER A 204 12.70 -26.19 -31.68
N ARG A 205 12.10 -25.20 -31.06
CA ARG A 205 12.30 -23.87 -31.59
C ARG A 205 12.81 -22.92 -30.48
N LEU A 206 13.24 -23.50 -29.37
CA LEU A 206 13.57 -22.73 -28.18
C LEU A 206 14.77 -21.78 -28.30
N ALA A 207 15.77 -22.10 -29.12
CA ALA A 207 16.94 -21.22 -29.30
C ALA A 207 16.63 -19.81 -29.83
N LYS A 208 15.35 -19.54 -30.11
CA LYS A 208 14.94 -18.24 -30.59
C LYS A 208 14.18 -17.40 -29.54
N SER A 209 14.17 -17.81 -28.27
CA SER A 209 13.29 -17.07 -27.37
C SER A 209 13.90 -16.47 -26.11
N LYS A 210 15.22 -16.51 -25.96
CA LYS A 210 15.90 -15.86 -24.81
C LYS A 210 15.80 -16.67 -23.54
N MET A 211 16.93 -17.26 -23.22
CA MET A 211 17.10 -18.17 -22.11
C MET A 211 17.70 -17.52 -20.89
N LEU A 212 17.19 -17.86 -19.72
CA LEU A 212 17.76 -17.35 -18.47
C LEU A 212 18.61 -18.42 -17.80
N THR A 213 19.77 -18.07 -17.26
CA THR A 213 20.59 -19.08 -16.60
C THR A 213 20.58 -18.85 -15.07
N PRO A 214 20.25 -19.91 -14.34
CA PRO A 214 20.15 -19.96 -12.88
C PRO A 214 21.53 -19.98 -12.24
N GLU A 215 21.73 -19.18 -11.21
CA GLU A 215 22.98 -19.29 -10.45
C GLU A 215 22.71 -20.29 -9.30
N HIS A 216 21.58 -20.11 -8.63
CA HIS A 216 21.22 -20.96 -7.50
C HIS A 216 19.73 -20.93 -7.16
N VAL A 217 19.24 -22.03 -6.61
CA VAL A 217 17.84 -22.16 -6.24
C VAL A 217 17.66 -22.19 -4.72
N PHE A 218 16.77 -21.34 -4.18
CA PHE A 218 16.55 -21.29 -2.73
C PHE A 218 15.14 -21.82 -2.40
N ILE A 219 15.08 -23.00 -1.80
CA ILE A 219 13.81 -23.62 -1.45
C ILE A 219 13.47 -23.23 -0.03
N HIS A 220 12.23 -22.81 0.17
CA HIS A 220 11.80 -22.40 1.49
C HIS A 220 12.00 -23.53 2.50
N PRO A 221 12.66 -23.23 3.62
CA PRO A 221 13.04 -24.25 4.60
C PRO A 221 11.85 -25.02 5.18
N GLY A 222 10.64 -24.46 5.07
CA GLY A 222 9.46 -25.13 5.58
C GLY A 222 8.89 -26.13 4.60
N TRP A 223 9.48 -26.20 3.40
CA TRP A 223 9.05 -27.18 2.41
C TRP A 223 9.55 -28.55 2.83
N LYS A 224 8.61 -29.45 3.14
CA LYS A 224 8.93 -30.80 3.58
C LYS A 224 9.45 -31.54 2.38
N LEU A 225 10.66 -32.08 2.48
CA LEU A 225 11.20 -32.83 1.35
C LEU A 225 10.75 -34.28 1.41
N LEU A 226 10.44 -34.84 0.24
CA LEU A 226 9.93 -36.20 0.15
C LEU A 226 10.79 -37.10 -0.74
N GLU A 227 11.09 -38.30 -0.27
CA GLU A 227 11.80 -39.29 -1.06
C GLU A 227 10.91 -39.73 -2.22
N VAL A 228 9.61 -39.79 -1.99
CA VAL A 228 8.63 -40.05 -3.05
C VAL A 228 7.74 -38.83 -3.32
N PRO A 229 8.15 -37.99 -4.28
CA PRO A 229 7.51 -36.70 -4.59
C PRO A 229 6.14 -36.78 -5.32
N GLU A 230 5.88 -37.89 -6.01
CA GLU A 230 4.69 -37.98 -6.85
C GLU A 230 3.37 -38.07 -6.08
N GLY A 231 3.43 -38.59 -4.85
CA GLY A 231 2.24 -38.73 -4.05
C GLY A 231 2.35 -37.81 -2.84
N ARG A 232 2.55 -36.52 -3.09
CA ARG A 232 2.70 -35.57 -2.00
C ARG A 232 1.34 -35.13 -1.52
N THR A 233 1.12 -35.19 -0.22
CA THR A 233 -0.17 -34.79 0.32
C THR A 233 -0.11 -33.38 0.92
N ASN A 234 1.06 -32.98 1.39
CA ASN A 234 1.25 -31.69 2.08
C ASN A 234 1.88 -30.59 1.23
N PHE A 235 1.13 -29.52 0.96
CA PHE A 235 1.69 -28.45 0.12
C PHE A 235 2.06 -27.15 0.85
N ASP A 236 2.25 -27.22 2.16
CA ASP A 236 2.58 -26.05 2.95
C ASP A 236 3.93 -25.53 2.51
N ASN A 237 4.07 -24.20 2.45
CA ASN A 237 5.35 -23.57 2.16
C ASN A 237 5.88 -23.91 0.77
N ASP A 238 4.96 -23.88 -0.19
CA ASP A 238 5.29 -24.24 -1.55
C ASP A 238 5.83 -23.02 -2.25
N ILE A 239 7.06 -22.64 -1.93
CA ILE A 239 7.64 -21.46 -2.56
C ILE A 239 9.17 -21.57 -2.69
N ALA A 240 9.72 -20.92 -3.71
CA ALA A 240 11.16 -20.94 -3.95
C ALA A 240 11.67 -19.78 -4.79
N LEU A 241 12.95 -19.45 -4.62
CA LEU A 241 13.56 -18.37 -5.40
C LEU A 241 14.69 -18.90 -6.27
N VAL A 242 14.75 -18.44 -7.52
CA VAL A 242 15.89 -18.77 -8.34
C VAL A 242 16.68 -17.51 -8.63
N ARG A 243 17.97 -17.50 -8.28
CA ARG A 243 18.84 -16.39 -8.61
C ARG A 243 19.47 -16.64 -9.96
N LEU A 244 19.37 -15.65 -10.86
CA LEU A 244 19.94 -15.72 -12.22
C LEU A 244 21.43 -15.26 -12.24
N LYS A 245 22.23 -15.80 -13.16
CA LYS A 245 23.62 -15.35 -13.31
C LYS A 245 23.65 -13.93 -13.81
N ASP A 246 22.92 -13.71 -14.90
CA ASP A 246 22.87 -12.43 -15.60
C ASP A 246 21.56 -11.70 -15.36
N PRO A 247 21.62 -10.38 -15.35
CA PRO A 247 20.41 -9.62 -15.11
C PRO A 247 19.51 -9.69 -16.31
N VAL A 248 18.23 -9.51 -16.10
CA VAL A 248 17.28 -9.58 -17.20
C VAL A 248 16.94 -8.23 -17.81
N LYS A 249 17.19 -8.07 -19.10
CA LYS A 249 16.77 -6.83 -19.77
C LYS A 249 15.24 -6.77 -19.88
N MET A 250 14.65 -5.65 -19.43
CA MET A 250 13.20 -5.49 -19.44
C MET A 250 12.81 -4.89 -20.77
N GLY A 251 11.55 -5.02 -21.16
CA GLY A 251 11.10 -4.62 -22.49
C GLY A 251 9.62 -4.94 -22.66
N PRO A 252 9.11 -4.75 -23.88
CA PRO A 252 7.66 -4.91 -24.02
C PRO A 252 7.17 -6.36 -23.74
N THR A 253 8.08 -7.33 -23.75
CA THR A 253 7.64 -8.70 -23.55
C THR A 253 8.18 -9.36 -22.29
N VAL A 254 9.01 -8.61 -21.55
CA VAL A 254 9.63 -9.08 -20.29
C VAL A 254 9.74 -7.98 -19.20
N SER A 255 9.12 -8.18 -18.05
CA SER A 255 9.20 -7.22 -16.95
C SER A 255 8.64 -7.84 -15.66
N PRO A 256 9.14 -7.38 -14.49
CA PRO A 256 8.75 -8.12 -13.29
C PRO A 256 7.32 -7.82 -12.85
N ILE A 257 6.86 -8.60 -11.90
CA ILE A 257 5.57 -8.40 -11.25
C ILE A 257 5.81 -7.93 -9.80
N CYS A 258 4.94 -7.08 -9.26
CA CYS A 258 5.15 -6.58 -7.90
C CYS A 258 4.92 -7.66 -6.87
N LEU A 259 5.47 -7.47 -5.67
CA LEU A 259 5.18 -8.30 -4.50
C LEU A 259 4.10 -7.66 -3.62
N PRO A 260 3.42 -8.45 -2.79
CA PRO A 260 2.45 -7.86 -1.84
C PRO A 260 3.15 -7.11 -0.70
N GLY A 261 2.49 -6.07 -0.16
CA GLY A 261 2.98 -5.42 1.05
C GLY A 261 2.65 -6.34 2.23
N THR A 262 3.09 -5.97 3.42
CA THR A 262 2.86 -6.80 4.60
C THR A 262 1.58 -6.37 5.31
N SER A 263 1.12 -5.17 4.98
CA SER A 263 -0.04 -4.58 5.62
C SER A 263 -1.32 -5.33 5.28
N SER A 264 -2.38 -5.04 6.03
CA SER A 264 -3.62 -5.82 5.96
C SER A 264 -4.52 -5.51 4.75
N ASP A 265 -4.21 -4.47 3.98
CA ASP A 265 -4.99 -4.22 2.77
C ASP A 265 -4.50 -5.10 1.61
N TYR A 266 -3.49 -5.91 1.90
CA TYR A 266 -3.03 -6.93 0.97
C TYR A 266 -3.63 -8.27 1.38
N ASN A 267 -4.59 -8.23 2.29
CA ASN A 267 -5.42 -9.38 2.60
C ASN A 267 -6.52 -9.49 1.54
N LEU A 268 -6.99 -10.70 1.33
CA LEU A 268 -7.95 -10.95 0.28
C LEU A 268 -9.35 -11.26 0.80
N MET A 269 -10.35 -10.71 0.12
CA MET A 269 -11.73 -10.97 0.43
C MET A 269 -12.25 -11.98 -0.59
N ASP A 270 -13.27 -12.73 -0.20
CA ASP A 270 -13.84 -13.70 -1.10
C ASP A 270 -14.39 -12.91 -2.29
N GLY A 271 -14.16 -13.39 -3.51
CA GLY A 271 -14.67 -12.68 -4.66
C GLY A 271 -13.62 -11.85 -5.37
N ASP A 272 -12.48 -11.63 -4.71
CA ASP A 272 -11.37 -10.91 -5.31
C ASP A 272 -10.84 -11.64 -6.57
N LEU A 273 -10.71 -10.91 -7.67
CA LEU A 273 -10.31 -11.51 -8.96
C LEU A 273 -8.81 -11.66 -9.15
N GLY A 274 -8.38 -12.84 -9.60
CA GLY A 274 -6.98 -13.07 -9.95
C GLY A 274 -6.78 -13.66 -11.33
N LEU A 275 -5.68 -13.34 -12.01
CA LEU A 275 -5.42 -13.88 -13.33
C LEU A 275 -4.39 -14.96 -13.17
N ILE A 276 -4.63 -16.12 -13.80
CA ILE A 276 -3.61 -17.16 -13.94
C ILE A 276 -3.33 -17.33 -15.42
N SER A 277 -2.17 -17.90 -15.70
CA SER A 277 -1.71 -17.97 -17.07
C SER A 277 -0.75 -19.11 -17.31
N GLY A 278 -0.73 -19.60 -18.55
CA GLY A 278 0.24 -20.63 -18.91
C GLY A 278 0.06 -21.27 -20.28
N TRP A 279 0.88 -22.26 -20.57
CA TRP A 279 0.84 -22.90 -21.86
C TRP A 279 0.17 -24.24 -21.72
N GLY A 280 -0.24 -24.55 -20.49
CA GLY A 280 -0.96 -25.78 -20.24
C GLY A 280 -0.26 -26.88 -19.47
N ARG A 281 -1.05 -27.82 -18.99
CA ARG A 281 -0.50 -28.93 -18.25
C ARG A 281 0.03 -29.99 -19.20
N THR A 282 -0.64 -30.26 -20.32
CA THR A 282 -0.16 -31.40 -21.14
C THR A 282 0.84 -30.84 -22.16
N GLU A 283 2.08 -31.34 -22.17
CA GLU A 283 3.11 -30.87 -23.12
C GLU A 283 2.86 -31.37 -24.52
N LYS A 284 3.28 -30.59 -25.52
CA LYS A 284 3.09 -30.95 -26.91
C LYS A 284 4.37 -30.74 -27.67
N ARG A 285 4.93 -31.82 -28.20
CA ARG A 285 6.26 -31.76 -28.82
C ARG A 285 6.29 -31.46 -30.31
N ASP A 286 5.15 -31.29 -30.93
CA ASP A 286 5.11 -31.29 -32.39
C ASP A 286 4.48 -30.07 -33.02
N ARG A 287 3.87 -29.25 -32.20
CA ARG A 287 3.23 -28.04 -32.68
C ARG A 287 3.65 -26.92 -31.74
N ALA A 288 3.31 -25.71 -32.12
CA ALA A 288 3.51 -24.52 -31.29
C ALA A 288 2.28 -24.35 -30.40
N VAL A 289 2.50 -24.03 -29.12
CA VAL A 289 1.42 -23.76 -28.20
C VAL A 289 1.44 -22.28 -27.72
N ARG A 290 0.34 -21.58 -27.92
CA ARG A 290 0.22 -20.19 -27.45
C ARG A 290 -0.27 -20.02 -25.99
N LEU A 291 0.16 -18.94 -25.36
CA LEU A 291 -0.14 -18.69 -23.98
C LEU A 291 -1.63 -18.51 -23.77
N LYS A 292 -2.09 -18.96 -22.61
CA LYS A 292 -3.49 -18.89 -22.29
C LYS A 292 -3.66 -18.36 -20.87
N ALA A 293 -4.81 -17.75 -20.60
CA ALA A 293 -5.07 -17.22 -19.27
C ALA A 293 -6.50 -17.42 -18.86
N ALA A 294 -6.74 -17.29 -17.57
CA ALA A 294 -8.07 -17.38 -16.99
C ALA A 294 -8.18 -16.51 -15.75
N ARG A 295 -9.37 -16.00 -15.49
CA ARG A 295 -9.64 -15.12 -14.34
C ARG A 295 -10.49 -15.86 -13.31
N LEU A 296 -10.01 -15.94 -12.06
CA LEU A 296 -10.64 -16.76 -11.01
C LEU A 296 -10.94 -15.94 -9.75
N PRO A 297 -12.09 -16.21 -9.09
CA PRO A 297 -12.35 -15.51 -7.83
C PRO A 297 -11.78 -16.23 -6.60
N VAL A 298 -11.28 -15.45 -5.65
CA VAL A 298 -10.90 -16.02 -4.37
C VAL A 298 -12.16 -16.61 -3.78
N ALA A 299 -12.01 -17.78 -3.19
CA ALA A 299 -13.10 -18.49 -2.58
C ALA A 299 -12.60 -19.04 -1.25
N PRO A 300 -13.52 -19.23 -0.29
CA PRO A 300 -13.02 -19.66 1.02
C PRO A 300 -12.33 -21.01 0.98
N LEU A 301 -11.32 -21.16 1.84
CA LEU A 301 -10.46 -22.34 1.86
C LEU A 301 -11.29 -23.58 2.16
N ARG A 302 -12.36 -23.39 2.94
CA ARG A 302 -13.21 -24.50 3.37
C ARG A 302 -13.82 -25.22 2.18
N LYS A 303 -13.96 -24.50 1.06
CA LYS A 303 -14.20 -25.19 -0.20
C LYS A 303 -12.91 -25.96 -0.47
N CYS A 304 -12.35 -25.88 -1.67
CA CYS A 304 -11.12 -26.58 -2.02
CA CYS A 304 -11.07 -26.53 -1.91
C CYS A 304 -11.01 -27.98 -1.39
N LYS A 305 -12.15 -28.53 -0.95
CA LYS A 305 -12.21 -29.89 -0.44
C LYS A 305 -13.37 -30.63 -1.07
N GLU A 306 -12.99 -31.46 -2.04
CA GLU A 306 -13.86 -32.37 -2.74
C GLU A 306 -13.04 -33.65 -2.85
N VAL A 307 -11.77 -33.46 -3.24
CA VAL A 307 -10.76 -34.52 -3.21
C VAL A 307 -9.53 -33.89 -2.58
N GLU A 317 -5.25 -39.93 0.48
CA GLU A 317 -6.15 -39.41 1.50
C GLU A 317 -5.32 -38.93 2.70
N ALA A 318 -5.37 -37.64 3.04
CA ALA A 318 -6.17 -36.59 2.38
C ALA A 318 -5.48 -35.23 2.58
N TYR A 319 -5.63 -34.32 1.62
CA TYR A 319 -4.86 -33.05 1.59
C TYR A 319 -4.90 -32.22 2.87
N VAL A 320 -3.79 -31.54 3.14
CA VAL A 320 -3.73 -30.65 4.28
C VAL A 320 -3.90 -29.22 3.78
N PHE A 321 -4.49 -28.37 4.61
CA PHE A 321 -4.71 -26.97 4.25
C PHE A 321 -4.35 -26.06 5.43
N THR A 322 -3.61 -25.01 5.13
CA THR A 322 -3.10 -24.08 6.13
C THR A 322 -3.52 -22.66 5.77
N PRO A 323 -3.42 -21.72 6.73
CA PRO A 323 -3.65 -20.34 6.29
C PRO A 323 -2.60 -19.82 5.29
N ASN A 324 -1.56 -20.59 5.01
CA ASN A 324 -0.59 -20.23 3.96
C ASN A 324 -1.03 -20.59 2.55
N MET A 325 -2.33 -20.83 2.39
CA MET A 325 -2.82 -21.24 1.08
C MET A 325 -4.07 -20.45 0.72
N ILE A 326 -4.23 -20.20 -0.56
CA ILE A 326 -5.38 -19.50 -1.11
C ILE A 326 -6.09 -20.46 -2.02
N CYS A 327 -7.41 -20.49 -1.88
CA CYS A 327 -8.27 -21.25 -2.75
C CYS A 327 -8.97 -20.28 -3.71
N ALA A 328 -9.17 -20.73 -4.95
CA ALA A 328 -9.81 -19.89 -5.97
C ALA A 328 -10.65 -20.69 -6.97
N GLY A 329 -11.71 -20.07 -7.50
CA GLY A 329 -12.56 -20.72 -8.49
C GLY A 329 -13.95 -21.02 -7.96
N GLY A 330 -14.68 -21.93 -8.59
CA GLY A 330 -15.96 -22.29 -8.04
C GLY A 330 -17.07 -22.63 -9.00
N GLU A 331 -17.22 -21.83 -10.06
CA GLU A 331 -18.34 -22.08 -10.95
C GLU A 331 -17.99 -23.29 -11.82
N LYS A 332 -18.93 -23.79 -12.61
CA LYS A 332 -18.65 -24.99 -13.41
C LYS A 332 -17.47 -24.85 -14.41
N GLY A 333 -17.60 -23.93 -15.37
CA GLY A 333 -16.64 -23.81 -16.44
C GLY A 333 -15.24 -23.32 -16.07
N MET A 334 -15.05 -22.92 -14.81
CA MET A 334 -13.75 -22.48 -14.35
C MET A 334 -12.70 -23.59 -14.47
N ASP A 335 -11.47 -23.20 -14.76
CA ASP A 335 -10.39 -24.13 -15.05
C ASP A 335 -9.04 -23.61 -14.55
N SER A 336 -8.55 -24.16 -13.44
CA SER A 336 -7.27 -23.73 -12.85
C SER A 336 -6.04 -24.26 -13.59
N CYS A 337 -6.25 -25.27 -14.41
CA CYS A 337 -5.22 -25.87 -15.25
C CYS A 337 -4.56 -24.87 -16.17
N LYS A 338 -5.24 -23.76 -16.41
CA LYS A 338 -4.75 -22.77 -17.35
C LYS A 338 -3.48 -21.87 -17.23
N GLY A 339 -2.88 -21.54 -16.08
CA GLY A 339 -2.88 -22.26 -14.84
C GLY A 339 -1.55 -22.97 -14.59
N ASP A 340 -0.46 -22.53 -15.25
CA ASP A 340 0.83 -23.24 -15.14
C ASP A 340 1.43 -23.33 -13.73
N SER A 341 1.98 -24.50 -13.38
CA SER A 341 2.62 -24.71 -12.09
C SER A 341 3.74 -23.72 -11.78
N GLY A 342 3.64 -23.05 -10.64
CA GLY A 342 4.70 -22.15 -10.22
C GLY A 342 4.47 -20.75 -10.72
N GLY A 343 3.48 -20.59 -11.61
CA GLY A 343 3.17 -19.27 -12.11
C GLY A 343 2.42 -18.44 -11.11
N ALA A 344 2.09 -17.22 -11.56
CA ALA A 344 1.61 -16.20 -10.66
C ALA A 344 0.10 -16.02 -10.72
N PHE A 345 -0.50 -16.04 -9.53
CA PHE A 345 -1.88 -15.63 -9.33
C PHE A 345 -1.87 -14.10 -9.17
N ALA A 346 -2.21 -13.41 -10.26
CA ALA A 346 -2.07 -11.96 -10.35
C ALA A 346 -3.34 -11.17 -9.93
N VAL A 347 -3.21 -10.37 -8.88
CA VAL A 347 -4.32 -9.57 -8.38
C VAL A 347 -4.01 -8.11 -8.61
N GLN A 348 -5.01 -7.29 -8.89
CA GLN A 348 -4.76 -5.86 -9.04
C GLN A 348 -4.39 -5.26 -7.69
N ASP A 349 -3.37 -4.42 -7.69
CA ASP A 349 -2.89 -3.77 -6.49
C ASP A 349 -3.97 -2.87 -5.83
N PRO A 350 -4.09 -2.91 -4.49
CA PRO A 350 -5.19 -2.18 -3.83
C PRO A 350 -5.00 -0.67 -3.89
N ASN A 351 -3.74 -0.20 -3.91
CA ASN A 351 -3.45 1.24 -3.93
C ASN A 351 -3.23 1.80 -5.32
N ASP A 352 -3.04 0.89 -6.28
CA ASP A 352 -2.73 1.27 -7.65
C ASP A 352 -3.38 0.27 -8.62
N LYS A 353 -4.50 0.70 -9.21
CA LYS A 353 -5.29 -0.18 -10.05
C LYS A 353 -4.58 -0.54 -11.37
N THR A 354 -3.41 0.05 -11.60
CA THR A 354 -2.71 -0.09 -12.87
C THR A 354 -1.62 -1.17 -12.87
N LYS A 355 -1.20 -1.58 -11.70
CA LYS A 355 -0.18 -2.60 -11.55
C LYS A 355 -0.66 -3.88 -10.87
N PHE A 356 -0.05 -5.00 -11.26
CA PHE A 356 -0.41 -6.30 -10.71
C PHE A 356 0.64 -6.80 -9.75
N TYR A 357 0.25 -7.64 -8.81
CA TYR A 357 1.24 -8.25 -7.96
C TYR A 357 0.99 -9.74 -7.77
N ALA A 358 1.99 -10.45 -7.27
CA ALA A 358 1.79 -11.87 -7.11
C ALA A 358 1.20 -12.14 -5.77
N ALA A 359 -0.10 -12.35 -5.73
CA ALA A 359 -0.73 -12.69 -4.48
C ALA A 359 -0.50 -14.15 -4.22
N GLY A 360 -0.54 -14.95 -5.29
CA GLY A 360 -0.37 -16.39 -5.18
C GLY A 360 0.59 -16.98 -6.21
N LEU A 361 1.22 -18.10 -5.84
CA LEU A 361 1.89 -18.98 -6.80
C LEU A 361 1.07 -20.28 -6.98
N VAL A 362 0.96 -20.75 -8.21
CA VAL A 362 0.12 -21.92 -8.55
C VAL A 362 0.61 -23.21 -7.87
N SER A 363 -0.20 -23.75 -6.97
CA SER A 363 0.27 -24.86 -6.18
C SER A 363 -0.46 -26.19 -6.55
N TRP A 364 -0.42 -27.14 -5.62
CA TRP A 364 -1.24 -28.35 -5.71
C TRP A 364 -0.82 -29.37 -6.79
N GLY A 365 0.45 -29.34 -7.18
CA GLY A 365 0.98 -30.25 -8.18
C GLY A 365 0.04 -30.44 -9.36
N PRO A 366 -0.32 -31.71 -9.64
CA PRO A 366 -1.15 -32.07 -10.81
C PRO A 366 -2.62 -31.78 -10.57
N GLN A 367 -3.04 -31.75 -9.30
CA GLN A 367 -4.44 -31.49 -8.99
C GLN A 367 -4.86 -30.15 -9.54
N CYS A 368 -5.85 -30.15 -10.40
CA CYS A 368 -6.36 -28.90 -10.90
C CYS A 368 -7.74 -29.02 -11.53
N GLY A 369 -8.33 -27.88 -11.86
CA GLY A 369 -9.66 -27.86 -12.43
C GLY A 369 -10.68 -27.31 -11.46
N THR A 370 -11.65 -26.56 -12.00
CA THR A 370 -12.78 -25.97 -11.24
C THR A 370 -12.34 -25.13 -10.00
N TYR A 371 -11.58 -25.72 -9.08
CA TYR A 371 -10.94 -24.97 -7.98
C TYR A 371 -9.40 -25.08 -8.06
N GLY A 372 -8.71 -23.99 -7.73
CA GLY A 372 -7.27 -23.98 -7.63
C GLY A 372 -6.72 -23.66 -6.25
N LEU A 373 -5.49 -24.09 -5.99
CA LEU A 373 -4.81 -23.84 -4.72
C LEU A 373 -3.53 -23.05 -5.00
N TYR A 374 -3.24 -22.08 -4.16
CA TYR A 374 -2.14 -21.15 -4.44
C TYR A 374 -1.37 -20.78 -3.18
N THR A 375 -0.05 -20.84 -3.26
CA THR A 375 0.76 -20.40 -2.13
C THR A 375 0.49 -18.92 -1.86
N ARG A 376 0.11 -18.59 -0.62
CA ARG A 376 -0.21 -17.23 -0.25
C ARG A 376 1.08 -16.41 -0.11
N VAL A 377 1.37 -15.66 -1.15
CA VAL A 377 2.65 -14.99 -1.25
C VAL A 377 2.91 -14.03 -0.08
N LYS A 378 1.88 -13.32 0.36
CA LYS A 378 2.00 -12.36 1.47
C LYS A 378 2.71 -12.85 2.75
N ASN A 379 2.47 -14.10 3.13
CA ASN A 379 3.09 -14.67 4.33
C ASN A 379 4.56 -15.00 4.15
N TYR A 380 5.06 -14.78 2.94
CA TYR A 380 6.43 -15.17 2.61
C TYR A 380 7.34 -14.00 2.21
N VAL A 381 6.81 -12.77 2.29
CA VAL A 381 7.51 -11.54 1.89
C VAL A 381 8.81 -11.31 2.69
N ASP A 382 8.79 -11.58 4.00
CA ASP A 382 9.99 -11.44 4.80
C ASP A 382 11.11 -12.35 4.34
N TRP A 383 10.78 -13.61 4.12
CA TRP A 383 11.74 -14.59 3.63
C TRP A 383 12.26 -14.21 2.23
N ILE A 384 11.40 -13.63 1.41
CA ILE A 384 11.81 -13.22 0.07
C ILE A 384 12.85 -12.10 0.10
N MET A 385 12.53 -10.99 0.76
CA MET A 385 13.44 -9.86 0.89
C MET A 385 14.76 -10.29 1.53
N LYS A 386 14.66 -11.07 2.61
CA LYS A 386 15.86 -11.54 3.31
C LYS A 386 16.80 -12.30 2.39
N THR A 387 16.26 -13.25 1.62
CA THR A 387 17.08 -14.03 0.70
C THR A 387 17.70 -13.14 -0.38
N MET A 388 16.92 -12.24 -0.94
CA MET A 388 17.43 -11.40 -2.00
C MET A 388 18.54 -10.46 -1.51
N GLN A 389 18.41 -9.97 -0.27
CA GLN A 389 19.42 -9.07 0.28
C GLN A 389 20.68 -9.83 0.74
N GLU A 390 20.50 -11.07 1.18
CA GLU A 390 21.62 -11.85 1.71
C GLU A 390 22.30 -12.73 0.67
N ASN A 391 21.83 -12.61 -0.57
CA ASN A 391 22.46 -13.24 -1.72
C ASN A 391 22.48 -12.22 -2.85
N SER A 392 23.08 -11.07 -2.57
CA SER A 392 23.16 -9.98 -3.53
C SER A 392 24.36 -10.11 -4.46
N THR A 393 24.82 -8.96 -4.94
CA THR A 393 25.80 -8.81 -6.06
C THR A 393 25.10 -8.92 -7.44
N MET B 1 -56.91 -52.49 13.95
CA MET B 1 -55.53 -52.08 13.67
C MET B 1 -55.32 -50.59 14.03
N PRO B 2 -54.56 -50.32 15.12
CA PRO B 2 -54.21 -48.99 15.62
C PRO B 2 -52.89 -48.46 15.07
N CYS B 3 -52.75 -47.14 15.06
CA CYS B 3 -51.50 -46.51 14.63
C CYS B 3 -50.66 -46.10 15.84
N PRO B 4 -49.43 -46.62 15.92
CA PRO B 4 -48.50 -46.38 17.02
C PRO B 4 -47.87 -44.99 16.97
N LYS B 5 -47.47 -44.46 18.12
CA LYS B 5 -46.73 -43.20 18.16
C LYS B 5 -45.26 -43.59 18.22
N GLU B 6 -44.53 -43.32 17.13
CA GLU B 6 -43.12 -43.66 17.06
C GLU B 6 -42.37 -42.57 17.85
N ASP B 7 -41.25 -42.93 18.46
CA ASP B 7 -40.48 -42.01 19.32
C ASP B 7 -40.44 -40.55 18.86
N THR B 8 -40.85 -39.65 19.77
CA THR B 8 -41.23 -38.31 19.38
C THR B 8 -40.34 -37.14 19.86
N PRO B 9 -39.01 -37.31 19.87
CA PRO B 9 -38.31 -36.07 20.16
C PRO B 9 -38.52 -35.14 18.97
N ASN B 10 -38.24 -33.87 19.20
CA ASN B 10 -38.34 -32.81 18.20
C ASN B 10 -39.76 -32.35 17.83
N SER B 11 -40.80 -33.08 18.26
CA SER B 11 -42.17 -32.65 17.95
C SER B 11 -43.23 -32.89 19.03
N VAL B 12 -44.36 -32.19 18.94
CA VAL B 12 -45.48 -32.42 19.85
C VAL B 12 -46.78 -32.66 19.06
N TRP B 13 -47.58 -33.61 19.56
CA TRP B 13 -48.81 -34.04 18.91
C TRP B 13 -50.07 -33.61 19.68
N GLU B 14 -50.93 -32.85 19.02
CA GLU B 14 -52.24 -32.50 19.56
C GLU B 14 -53.33 -33.20 18.74
N PRO B 15 -54.19 -33.97 19.40
CA PRO B 15 -54.24 -34.26 20.84
C PRO B 15 -53.29 -35.40 21.22
N ALA B 16 -52.78 -35.40 22.43
CA ALA B 16 -51.89 -36.46 22.89
C ALA B 16 -52.66 -37.65 23.50
N LYS B 17 -52.66 -38.80 22.83
CA LYS B 17 -53.38 -39.97 23.34
C LYS B 17 -52.47 -41.19 23.47
N ALA B 18 -52.92 -42.20 24.21
CA ALA B 18 -52.10 -43.39 24.45
C ALA B 18 -52.10 -44.31 23.23
N LYS B 19 -53.28 -44.47 22.63
CA LYS B 19 -53.47 -45.40 21.54
C LYS B 19 -54.31 -44.73 20.45
N TYR B 20 -53.79 -44.66 19.23
CA TYR B 20 -54.55 -44.01 18.14
C TYR B 20 -55.20 -45.04 17.23
N VAL B 21 -56.30 -44.64 16.60
CA VAL B 21 -57.03 -45.58 15.75
C VAL B 21 -57.29 -45.05 14.37
N PHE B 22 -57.67 -45.97 13.48
CA PHE B 22 -58.01 -45.66 12.11
C PHE B 22 -58.94 -44.43 12.02
N ARG B 23 -58.54 -43.45 11.19
CA ARG B 23 -59.26 -42.18 11.00
C ARG B 23 -58.92 -41.07 11.98
N ASP B 24 -58.12 -41.36 13.00
CA ASP B 24 -57.68 -40.34 13.96
C ASP B 24 -56.82 -39.23 13.33
N VAL B 25 -57.11 -37.98 13.66
CA VAL B 25 -56.28 -36.90 13.13
C VAL B 25 -55.44 -36.19 14.16
N VAL B 26 -54.16 -36.10 13.85
CA VAL B 26 -53.20 -35.55 14.78
C VAL B 26 -52.61 -34.30 14.12
N GLN B 27 -52.51 -33.22 14.89
CA GLN B 27 -51.76 -32.05 14.42
C GLN B 27 -50.37 -32.20 14.98
N ILE B 28 -49.37 -32.06 14.14
CA ILE B 28 -48.00 -32.19 14.64
C ILE B 28 -47.32 -30.85 14.63
N THR B 29 -46.81 -30.41 15.78
CA THR B 29 -46.04 -29.16 15.82
C THR B 29 -44.60 -29.52 16.21
N CYS B 30 -43.64 -29.05 15.41
CA CYS B 30 -42.22 -29.22 15.71
C CYS B 30 -41.80 -28.29 16.84
N LEU B 31 -40.90 -28.73 17.70
CA LEU B 31 -40.35 -27.80 18.67
C LEU B 31 -39.62 -26.68 17.95
N ASP B 32 -39.59 -25.52 18.62
CA ASP B 32 -38.84 -24.36 18.19
C ASP B 32 -37.41 -24.85 17.88
N GLY B 33 -36.92 -24.53 16.70
CA GLY B 33 -35.59 -24.95 16.28
C GLY B 33 -35.67 -26.11 15.31
N PHE B 34 -36.88 -26.57 15.04
CA PHE B 34 -37.02 -27.77 14.23
C PHE B 34 -37.99 -27.62 13.12
N GLU B 35 -37.75 -28.34 12.04
CA GLU B 35 -38.56 -28.19 10.84
C GLU B 35 -38.59 -29.51 10.05
N VAL B 36 -39.62 -29.64 9.21
CA VAL B 36 -39.70 -30.78 8.28
C VAL B 36 -39.37 -30.23 6.91
N VAL B 37 -38.26 -30.68 6.34
CA VAL B 37 -37.77 -30.05 5.11
C VAL B 37 -38.25 -30.84 3.91
N GLU B 38 -39.16 -30.25 3.13
CA GLU B 38 -39.74 -30.86 1.94
C GLU B 38 -39.95 -29.86 0.82
N GLY B 39 -39.41 -30.13 -0.36
CA GLY B 39 -39.50 -29.16 -1.45
C GLY B 39 -38.87 -27.82 -1.04
N ARG B 40 -39.60 -26.72 -1.25
CA ARG B 40 -39.10 -25.38 -0.95
C ARG B 40 -39.43 -24.95 0.47
N VAL B 41 -40.06 -25.82 1.25
CA VAL B 41 -40.55 -25.37 2.54
C VAL B 41 -39.88 -26.04 3.72
N GLY B 42 -39.75 -25.32 4.84
CA GLY B 42 -39.48 -25.88 6.14
C GLY B 42 -40.75 -25.77 6.97
N ALA B 43 -41.61 -26.80 6.95
CA ALA B 43 -42.89 -26.83 7.66
C ALA B 43 -42.70 -26.94 9.16
N THR B 44 -43.45 -26.15 9.93
CA THR B 44 -43.31 -26.26 11.38
C THR B 44 -44.46 -26.94 12.04
N SER B 45 -45.55 -27.11 11.29
CA SER B 45 -46.68 -27.92 11.72
C SER B 45 -47.38 -28.48 10.53
N PHE B 46 -48.12 -29.57 10.73
CA PHE B 46 -48.80 -30.27 9.63
C PHE B 46 -49.73 -31.31 10.23
N TYR B 47 -50.65 -31.84 9.42
CA TYR B 47 -51.57 -32.88 9.90
C TYR B 47 -51.11 -34.26 9.43
N SER B 48 -51.42 -35.28 10.23
CA SER B 48 -51.29 -36.67 9.78
C SER B 48 -52.49 -37.50 10.26
N THR B 49 -53.01 -38.39 9.43
CA THR B 49 -54.17 -39.17 9.82
C THR B 49 -53.82 -40.67 9.82
N CYS B 50 -54.38 -41.39 10.78
CA CYS B 50 -54.11 -42.81 10.94
C CYS B 50 -54.84 -43.69 9.92
N GLN B 51 -54.09 -44.37 9.04
CA GLN B 51 -54.67 -45.11 7.93
C GLN B 51 -55.12 -46.51 8.34
N SER B 52 -55.82 -47.21 7.45
CA SER B 52 -56.40 -48.50 7.84
C SER B 52 -55.38 -49.61 8.10
N ASN B 53 -54.17 -49.43 7.57
CA ASN B 53 -53.12 -50.42 7.75
C ASN B 53 -52.21 -50.17 8.93
N GLY B 54 -52.59 -49.22 9.79
CA GLY B 54 -51.76 -48.90 10.93
C GLY B 54 -50.58 -47.95 10.69
N LYS B 55 -50.39 -47.49 9.45
CA LYS B 55 -49.36 -46.48 9.19
C LYS B 55 -50.00 -45.10 9.21
N TRP B 56 -49.25 -44.08 9.70
CA TRP B 56 -49.71 -42.68 9.66
C TRP B 56 -49.58 -42.25 8.23
N SER B 57 -50.44 -41.36 7.79
CA SER B 57 -50.49 -41.05 6.36
C SER B 57 -49.22 -40.50 5.70
N ASN B 58 -48.43 -39.71 6.37
CA ASN B 58 -47.17 -39.29 5.71
C ASN B 58 -46.01 -39.66 6.59
N SER B 59 -45.97 -40.93 6.96
CA SER B 59 -44.96 -41.43 7.88
C SER B 59 -43.58 -41.21 7.32
N LYS B 60 -42.57 -41.47 8.15
CA LYS B 60 -41.19 -41.32 7.70
C LYS B 60 -40.78 -39.81 7.54
N LEU B 61 -41.75 -38.88 7.48
CA LEU B 61 -41.55 -37.44 7.74
C LEU B 61 -41.19 -37.12 9.20
N LYS B 62 -40.01 -36.53 9.39
CA LYS B 62 -39.46 -36.20 10.72
C LYS B 62 -39.09 -34.71 10.92
N CYS B 63 -39.28 -34.21 12.13
CA CYS B 63 -38.80 -32.86 12.48
C CYS B 63 -37.28 -32.91 12.65
N GLN B 64 -36.56 -32.09 11.91
CA GLN B 64 -35.10 -32.03 12.00
C GLN B 64 -34.61 -30.60 12.34
N PRO B 65 -33.35 -30.47 12.80
CA PRO B 65 -32.75 -29.17 13.18
C PRO B 65 -32.73 -28.16 12.04
N VAL B 66 -33.14 -26.91 12.30
CA VAL B 66 -33.01 -25.86 11.27
C VAL B 66 -31.54 -25.57 10.96
N ASP B 67 -31.28 -25.13 9.73
CA ASP B 67 -29.92 -24.77 9.32
C ASP B 67 -29.76 -23.23 9.23
N CYS B 68 -28.89 -22.65 10.04
CA CYS B 68 -28.60 -21.21 9.93
C CYS B 68 -27.70 -20.81 8.78
N GLY B 69 -27.00 -21.76 8.20
CA GLY B 69 -26.22 -21.46 7.02
C GLY B 69 -24.90 -20.84 7.40
N ILE B 70 -23.99 -20.80 6.43
CA ILE B 70 -22.71 -20.20 6.63
C ILE B 70 -22.87 -18.75 7.12
N PRO B 71 -22.18 -18.40 8.23
CA PRO B 71 -22.30 -17.04 8.79
C PRO B 71 -21.78 -15.96 7.84
N GLU B 72 -22.54 -14.87 7.73
CA GLU B 72 -22.10 -13.72 6.94
C GLU B 72 -20.88 -13.07 7.57
N SER B 73 -20.03 -12.47 6.76
CA SER B 73 -18.88 -11.78 7.31
C SER B 73 -19.20 -10.31 7.60
N ILE B 74 -18.31 -9.64 8.34
CA ILE B 74 -18.36 -8.17 8.53
C ILE B 74 -17.05 -7.49 8.16
N GLU B 75 -17.11 -6.22 7.80
CA GLU B 75 -15.90 -5.43 7.54
C GLU B 75 -15.06 -5.23 8.77
N ASN B 76 -13.76 -5.48 8.63
CA ASN B 76 -12.80 -5.35 9.72
C ASN B 76 -13.04 -6.28 10.88
N GLY B 77 -13.58 -7.45 10.58
CA GLY B 77 -13.81 -8.46 11.60
C GLY B 77 -13.71 -9.88 11.03
N LYS B 78 -13.55 -10.85 11.92
CA LYS B 78 -13.52 -12.20 11.45
C LYS B 78 -14.55 -12.97 12.25
N VAL B 79 -15.07 -14.04 11.65
CA VAL B 79 -15.93 -14.98 12.37
C VAL B 79 -15.35 -16.40 12.30
N GLU B 80 -15.24 -17.06 13.44
CA GLU B 80 -14.67 -18.40 13.39
C GLU B 80 -15.56 -19.32 12.52
N ASP B 81 -14.94 -20.17 11.72
CA ASP B 81 -15.69 -21.13 10.90
C ASP B 81 -16.34 -22.20 11.78
N PRO B 82 -17.68 -22.23 11.88
CA PRO B 82 -18.32 -23.16 12.83
C PRO B 82 -18.26 -24.62 12.33
N GLU B 83 -18.12 -25.61 13.19
CA GLU B 83 -18.07 -27.00 12.71
C GLU B 83 -19.49 -27.46 12.31
N SER B 84 -20.53 -26.94 12.97
CA SER B 84 -21.78 -26.88 12.20
C SER B 84 -22.54 -25.57 12.35
N THR B 85 -23.57 -25.44 11.52
CA THR B 85 -24.45 -24.28 11.48
C THR B 85 -25.91 -24.61 11.83
N LEU B 86 -26.14 -25.74 12.49
CA LEU B 86 -27.49 -26.15 12.88
C LEU B 86 -27.97 -25.47 14.17
N PHE B 87 -29.25 -25.63 14.48
CA PHE B 87 -29.86 -25.05 15.67
C PHE B 87 -29.01 -25.16 16.95
N GLY B 88 -28.79 -24.04 17.64
CA GLY B 88 -28.08 -24.08 18.90
C GLY B 88 -26.58 -23.92 18.79
N SER B 89 -26.07 -23.89 17.56
CA SER B 89 -24.64 -23.71 17.34
C SER B 89 -24.21 -22.29 17.73
N VAL B 90 -22.97 -22.15 18.18
CA VAL B 90 -22.48 -20.85 18.61
C VAL B 90 -21.30 -20.32 17.80
N ILE B 91 -21.45 -19.13 17.24
CA ILE B 91 -20.34 -18.46 16.58
C ILE B 91 -19.90 -17.21 17.35
N ARG B 92 -18.66 -16.78 17.12
CA ARG B 92 -18.08 -15.62 17.79
C ARG B 92 -17.41 -14.66 16.80
N TYR B 93 -17.95 -13.46 16.67
CA TYR B 93 -17.31 -12.37 15.93
C TYR B 93 -16.24 -11.63 16.77
N THR B 94 -15.12 -11.25 16.16
CA THR B 94 -14.15 -10.36 16.79
C THR B 94 -13.63 -9.33 15.80
N CYS B 95 -13.14 -8.21 16.30
CA CYS B 95 -12.64 -7.17 15.39
C CYS B 95 -11.14 -7.22 15.21
N GLU B 96 -10.67 -6.59 14.14
CA GLU B 96 -9.23 -6.54 13.85
C GLU B 96 -8.60 -5.63 14.86
N GLU B 97 -8.13 -6.23 15.94
CA GLU B 97 -7.48 -5.49 16.99
C GLU B 97 -6.01 -5.26 16.68
N PRO B 98 -5.46 -4.12 17.15
CA PRO B 98 -6.14 -3.11 17.99
C PRO B 98 -6.72 -1.94 17.21
N TYR B 99 -6.68 -1.98 15.89
CA TYR B 99 -7.09 -0.89 15.01
C TYR B 99 -8.60 -0.62 14.93
N TYR B 100 -9.38 -1.55 15.47
CA TYR B 100 -10.83 -1.49 15.43
C TYR B 100 -11.43 -1.98 16.75
N TYR B 101 -12.64 -1.52 17.07
CA TYR B 101 -13.35 -2.10 18.21
C TYR B 101 -14.79 -2.42 17.90
N MET B 102 -15.38 -3.27 18.72
CA MET B 102 -16.77 -3.62 18.52
C MET B 102 -17.65 -2.59 19.20
N GLU B 103 -18.54 -1.97 18.42
CA GLU B 103 -19.42 -0.90 18.88
C GLU B 103 -20.57 -1.37 19.77
N ASN B 104 -20.50 -1.05 21.08
CA ASN B 104 -21.53 -1.49 22.05
C ASN B 104 -21.79 -2.98 21.86
N GLY B 105 -20.71 -3.76 21.97
CA GLY B 105 -20.75 -5.17 21.67
C GLY B 105 -21.74 -5.95 22.50
N GLY B 106 -22.46 -6.83 21.83
CA GLY B 106 -23.23 -7.84 22.51
C GLY B 106 -22.28 -8.94 22.96
N GLY B 107 -20.98 -8.71 22.72
CA GLY B 107 -19.96 -9.69 23.01
C GLY B 107 -19.53 -10.42 21.77
N GLY B 108 -20.31 -10.25 20.69
CA GLY B 108 -20.04 -10.94 19.46
C GLY B 108 -20.43 -12.41 19.46
N GLU B 109 -21.11 -12.90 20.51
CA GLU B 109 -21.63 -14.27 20.51
C GLU B 109 -22.98 -14.32 19.81
N TYR B 110 -23.04 -15.09 18.74
CA TYR B 110 -24.32 -15.39 18.10
C TYR B 110 -24.65 -16.88 18.23
N HIS B 111 -25.93 -17.19 18.33
CA HIS B 111 -26.33 -18.61 18.29
C HIS B 111 -27.36 -18.85 17.20
N CYS B 112 -27.37 -20.05 16.65
CA CYS B 112 -28.39 -20.39 15.66
C CYS B 112 -29.73 -20.60 16.38
N ALA B 113 -30.63 -19.63 16.24
CA ALA B 113 -31.92 -19.63 16.94
C ALA B 113 -33.01 -20.44 16.27
N GLY B 114 -34.13 -20.60 16.97
CA GLY B 114 -35.20 -21.43 16.50
C GLY B 114 -35.81 -21.07 15.16
N ASN B 115 -35.89 -19.78 14.84
CA ASN B 115 -36.50 -19.40 13.55
C ASN B 115 -35.52 -19.50 12.40
N GLY B 116 -34.38 -20.10 12.66
CA GLY B 116 -33.44 -20.23 11.58
C GLY B 116 -32.42 -19.08 11.30
N SER B 117 -32.45 -18.02 12.11
CA SER B 117 -31.45 -16.98 11.95
C SER B 117 -30.47 -16.88 13.10
N TRP B 118 -29.24 -16.46 12.78
CA TRP B 118 -28.21 -16.25 13.79
C TRP B 118 -28.53 -15.00 14.59
N VAL B 119 -28.61 -15.09 15.90
CA VAL B 119 -28.98 -13.96 16.75
C VAL B 119 -28.08 -13.78 17.98
N ASN B 120 -27.95 -12.53 18.43
CA ASN B 120 -27.17 -12.16 19.61
C ASN B 120 -28.17 -11.67 20.63
N GLU B 121 -27.89 -11.93 21.89
CA GLU B 121 -28.79 -11.59 22.97
C GLU B 121 -29.30 -10.15 22.92
N VAL B 122 -28.42 -9.19 22.66
CA VAL B 122 -28.82 -7.77 22.64
C VAL B 122 -29.10 -7.16 21.25
N LEU B 123 -28.32 -7.51 20.23
CA LEU B 123 -28.53 -6.94 18.89
C LEU B 123 -29.59 -7.68 18.04
N GLY B 124 -30.10 -8.81 18.53
CA GLY B 124 -31.03 -9.58 17.73
C GLY B 124 -30.30 -10.13 16.51
N PRO B 125 -30.87 -9.99 15.29
CA PRO B 125 -30.14 -10.58 14.18
C PRO B 125 -29.18 -9.62 13.45
N GLU B 126 -29.01 -8.38 13.93
CA GLU B 126 -28.05 -7.45 13.32
C GLU B 126 -26.62 -7.88 13.65
N LEU B 127 -25.75 -7.85 12.66
CA LEU B 127 -24.33 -8.16 12.84
C LEU B 127 -23.60 -6.98 13.46
N PRO B 128 -22.53 -7.26 14.21
CA PRO B 128 -21.71 -6.21 14.83
C PRO B 128 -21.15 -5.20 13.85
N LYS B 129 -20.99 -3.97 14.29
CA LYS B 129 -20.24 -2.99 13.49
C LYS B 129 -18.82 -2.87 14.05
N CYS B 130 -17.82 -3.05 13.19
CA CYS B 130 -16.42 -2.84 13.58
C CYS B 130 -15.90 -1.48 13.18
N VAL B 131 -15.61 -0.67 14.18
CA VAL B 131 -15.23 0.72 13.92
C VAL B 131 -13.82 1.08 14.35
N PRO B 132 -13.25 2.09 13.67
CA PRO B 132 -11.86 2.50 13.96
C PRO B 132 -11.70 2.95 15.40
N VAL B 133 -10.65 2.48 16.07
CA VAL B 133 -10.18 3.01 17.36
C VAL B 133 -9.48 4.29 17.07
N CYS B 134 -9.92 5.38 17.69
CA CYS B 134 -9.35 6.68 17.39
C CYS B 134 -8.26 7.09 18.39
N GLY B 135 -7.38 7.96 17.93
CA GLY B 135 -6.43 8.62 18.81
C GLY B 135 -5.19 7.87 19.29
N VAL B 136 -5.11 6.55 19.14
CA VAL B 136 -3.94 5.88 19.69
C VAL B 136 -2.89 5.44 18.66
N PRO B 137 -1.71 6.09 18.63
CA PRO B 137 -0.72 5.64 17.66
C PRO B 137 0.09 4.51 18.30
N ARG B 138 0.50 3.48 17.56
N ARG B 138 0.51 3.54 17.48
CA ARG B 138 1.21 2.39 18.25
CA ARG B 138 1.25 2.37 17.94
C ARG B 138 2.54 2.85 18.82
C ARG B 138 2.60 2.70 18.58
N GLU B 139 3.14 3.89 18.24
CA GLU B 139 4.45 4.36 18.71
C GLU B 139 4.52 5.86 19.00
N PRO B 140 4.86 6.24 20.24
CA PRO B 140 4.89 7.65 20.65
C PRO B 140 6.24 8.30 20.30
N SER B 151 14.10 16.18 15.09
CA SER B 151 12.72 16.46 14.79
C SER B 151 12.28 15.68 13.54
N ASP B 152 12.98 14.59 13.26
CA ASP B 152 12.56 13.69 12.19
C ASP B 152 11.49 12.79 12.77
N ALA B 153 10.44 12.54 12.00
CA ALA B 153 9.35 11.74 12.50
C ALA B 153 9.14 10.52 11.62
N ASP B 154 8.46 9.53 12.17
CA ASP B 154 7.96 8.45 11.34
C ASP B 154 6.41 8.54 11.30
N ILE B 155 5.80 7.96 10.26
CA ILE B 155 4.36 8.07 10.11
C ILE B 155 3.61 7.37 11.25
N LYS B 156 4.27 6.42 11.92
CA LYS B 156 3.72 5.75 13.11
C LYS B 156 3.48 6.63 14.32
N ASN B 157 4.22 7.72 14.47
CA ASN B 157 3.97 8.66 15.57
C ASN B 157 2.70 9.50 15.36
N PHE B 158 2.26 9.61 14.12
CA PHE B 158 1.16 10.48 13.74
C PHE B 158 0.32 9.86 12.65
N PRO B 159 -0.32 8.70 12.93
CA PRO B 159 -1.01 7.98 11.85
C PRO B 159 -2.17 8.75 11.24
N TRP B 160 -2.58 9.88 11.82
CA TRP B 160 -3.74 10.60 11.30
C TRP B 160 -3.37 11.68 10.28
N GLN B 161 -2.08 11.93 10.10
CA GLN B 161 -1.60 12.95 9.16
C GLN B 161 -1.96 12.63 7.70
N VAL B 162 -2.76 13.49 7.06
CA VAL B 162 -3.03 13.38 5.62
C VAL B 162 -2.25 14.42 4.82
N PHE B 163 -1.45 13.98 3.86
CA PHE B 163 -0.70 14.88 3.00
C PHE B 163 -1.41 15.32 1.69
N PHE B 164 -1.53 16.63 1.48
CA PHE B 164 -2.09 17.21 0.25
C PHE B 164 -0.94 17.63 -0.67
N ASP B 165 -1.20 17.67 -1.97
CA ASP B 165 -0.14 17.66 -2.96
C ASP B 165 -0.10 18.87 -3.90
N ASN B 166 -1.24 19.51 -4.07
CA ASN B 166 -1.35 20.57 -5.05
C ASN B 166 -2.02 21.82 -4.46
N PRO B 167 -1.26 22.61 -3.69
CA PRO B 167 0.16 22.55 -3.32
C PRO B 167 0.40 21.67 -2.08
N TRP B 168 1.65 21.58 -1.61
CA TRP B 168 1.91 20.85 -0.36
C TRP B 168 1.09 21.43 0.78
N ALA B 169 0.30 20.56 1.41
CA ALA B 169 -0.46 20.92 2.59
C ALA B 169 -0.82 19.67 3.38
N GLY B 170 -1.73 19.82 4.34
CA GLY B 170 -2.04 18.73 5.23
C GLY B 170 -3.47 18.69 5.67
N GLY B 171 -3.76 17.77 6.58
CA GLY B 171 -5.09 17.55 7.11
C GLY B 171 -4.99 16.43 8.14
N ALA B 172 -6.11 16.09 8.77
CA ALA B 172 -6.09 15.08 9.83
C ALA B 172 -7.22 14.07 9.61
N LEU B 173 -6.93 12.79 9.67
CA LEU B 173 -7.94 11.77 9.42
C LEU B 173 -8.80 11.61 10.66
N ILE B 174 -10.11 11.78 10.56
CA ILE B 174 -10.96 11.66 11.76
C ILE B 174 -11.94 10.47 11.81
N ASN B 175 -12.26 9.90 10.65
CA ASN B 175 -12.81 8.57 10.59
C ASN B 175 -12.47 7.91 9.26
N GLU B 176 -13.18 6.86 8.88
CA GLU B 176 -12.79 6.13 7.69
C GLU B 176 -13.24 6.84 6.41
N TYR B 177 -14.16 7.80 6.53
CA TYR B 177 -14.67 8.50 5.35
C TYR B 177 -14.36 10.01 5.35
N TRP B 178 -13.73 10.53 6.40
CA TRP B 178 -13.54 11.98 6.50
C TRP B 178 -12.19 12.51 6.94
N VAL B 179 -11.74 13.51 6.22
CA VAL B 179 -10.51 14.20 6.59
C VAL B 179 -10.83 15.61 7.07
N LEU B 180 -10.24 15.99 8.19
CA LEU B 180 -10.41 17.33 8.70
C LEU B 180 -9.22 18.19 8.28
N THR B 181 -9.50 19.38 7.76
CA THR B 181 -8.42 20.32 7.44
C THR B 181 -8.81 21.82 7.51
N ALA B 182 -7.84 22.69 7.24
CA ALA B 182 -8.14 24.11 7.20
C ALA B 182 -8.82 24.43 5.88
N ALA B 183 -9.78 25.35 5.92
CA ALA B 183 -10.46 25.77 4.71
C ALA B 183 -9.48 26.43 3.73
N HIS B 184 -8.47 27.15 4.22
CA HIS B 184 -7.55 27.82 3.30
CA HIS B 184 -7.49 27.81 3.36
C HIS B 184 -6.77 26.87 2.36
N VAL B 185 -6.57 25.61 2.77
CA VAL B 185 -5.91 24.63 1.89
C VAL B 185 -6.83 24.18 0.76
N VAL B 186 -8.14 24.20 0.98
CA VAL B 186 -9.07 23.65 0.00
C VAL B 186 -9.92 24.68 -0.75
N GLU B 187 -9.93 25.94 -0.27
CA GLU B 187 -10.67 26.99 -0.98
C GLU B 187 -10.17 27.10 -2.43
N GLY B 188 -8.90 26.76 -2.64
CA GLY B 188 -8.35 26.68 -3.98
C GLY B 188 -8.80 25.45 -4.74
N ASN B 189 -8.36 24.28 -4.28
CA ASN B 189 -8.76 23.03 -4.93
C ASN B 189 -9.85 22.23 -4.19
N ARG B 190 -11.06 22.27 -4.75
CA ARG B 190 -12.21 21.57 -4.20
C ARG B 190 -12.08 20.08 -4.51
N GLU B 191 -11.15 19.75 -5.41
CA GLU B 191 -10.88 18.35 -5.73
C GLU B 191 -9.39 18.00 -5.51
N PRO B 192 -8.95 18.01 -4.22
CA PRO B 192 -7.55 17.92 -3.78
C PRO B 192 -6.95 16.52 -3.93
N THR B 193 -5.66 16.42 -4.23
CA THR B 193 -5.00 15.10 -4.22
C THR B 193 -4.41 14.85 -2.82
N MET B 194 -4.74 13.70 -2.25
CA MET B 194 -4.37 13.39 -0.87
C MET B 194 -3.68 12.05 -0.75
N TYR B 195 -2.69 11.96 0.13
CA TYR B 195 -1.99 10.68 0.33
C TYR B 195 -1.69 10.41 1.80
N VAL B 196 -1.65 9.13 2.18
CA VAL B 196 -1.41 8.71 3.57
C VAL B 196 -0.48 7.50 3.66
N GLY B 197 0.04 7.26 4.86
CA GLY B 197 0.71 5.99 5.13
C GLY B 197 2.21 5.87 4.90
N SER B 198 2.85 6.94 4.47
CA SER B 198 4.30 6.92 4.26
C SER B 198 5.03 8.00 5.09
N THR B 199 6.18 7.64 5.62
CA THR B 199 7.02 8.61 6.32
C THR B 199 7.67 9.58 5.33
N SER B 200 7.97 9.09 4.13
CA SER B 200 8.59 9.90 3.08
C SER B 200 7.57 10.34 2.00
N VAL B 201 7.92 11.40 1.29
CA VAL B 201 7.13 11.90 0.16
C VAL B 201 8.03 12.04 -1.05
N GLN B 202 7.59 11.58 -2.22
CA GLN B 202 8.41 11.72 -3.42
C GLN B 202 7.65 11.86 -4.74
N THR B 203 7.04 10.77 -5.19
N LYS B 208 3.07 5.72 -7.10
CA LYS B 208 2.14 6.34 -6.15
C LYS B 208 2.01 5.49 -4.90
N SER B 209 1.27 6.02 -3.94
CA SER B 209 1.13 5.42 -2.62
C SER B 209 -0.37 5.26 -2.36
N LYS B 210 -0.76 4.97 -1.12
CA LYS B 210 -2.19 4.91 -0.83
C LYS B 210 -2.75 6.31 -1.01
N MET B 211 -3.50 6.49 -2.10
CA MET B 211 -4.01 7.82 -2.42
C MET B 211 -5.47 7.87 -1.97
N LEU B 212 -5.87 8.99 -1.38
CA LEU B 212 -7.26 9.14 -0.98
C LEU B 212 -7.99 9.99 -2.00
N THR B 213 -9.21 9.59 -2.36
CA THR B 213 -9.99 10.33 -3.34
C THR B 213 -11.17 11.07 -2.74
N PRO B 214 -11.26 12.39 -3.02
CA PRO B 214 -12.32 13.26 -2.51
C PRO B 214 -13.65 13.06 -3.22
N GLU B 215 -14.72 12.96 -2.45
CA GLU B 215 -16.06 12.91 -3.01
C GLU B 215 -16.62 14.31 -3.15
N HIS B 216 -16.49 15.10 -2.08
CA HIS B 216 -16.99 16.45 -2.08
C HIS B 216 -16.30 17.23 -0.93
N VAL B 217 -16.11 18.55 -1.08
CA VAL B 217 -15.46 19.34 -0.01
C VAL B 217 -16.41 20.30 0.70
N PHE B 218 -16.42 20.26 2.03
CA PHE B 218 -17.31 21.11 2.80
C PHE B 218 -16.57 22.19 3.60
N ILE B 219 -16.74 23.44 3.16
CA ILE B 219 -16.08 24.58 3.78
C ILE B 219 -16.98 25.22 4.83
N HIS B 220 -16.42 25.50 6.00
CA HIS B 220 -17.24 26.10 7.04
C HIS B 220 -17.84 27.38 6.52
N PRO B 221 -19.17 27.52 6.68
CA PRO B 221 -19.96 28.63 6.12
C PRO B 221 -19.51 30.01 6.60
N GLY B 222 -18.79 30.05 7.73
CA GLY B 222 -18.28 31.28 8.32
C GLY B 222 -16.95 31.74 7.75
N TRP B 223 -16.39 30.94 6.86
CA TRP B 223 -15.14 31.26 6.19
C TRP B 223 -15.32 32.37 5.16
N LYS B 224 -14.70 33.51 5.41
CA LYS B 224 -14.84 34.64 4.49
C LYS B 224 -14.11 34.31 3.21
N LEU B 225 -14.82 34.36 2.10
CA LEU B 225 -14.19 34.10 0.80
C LEU B 225 -13.60 35.39 0.26
N LEU B 226 -12.45 35.28 -0.39
CA LEU B 226 -11.76 36.46 -0.88
C LEU B 226 -11.51 36.45 -2.37
N GLU B 227 -11.81 37.56 -3.02
CA GLU B 227 -11.50 37.72 -4.43
C GLU B 227 -9.99 37.74 -4.60
N VAL B 228 -9.30 38.33 -3.62
CA VAL B 228 -7.84 38.27 -3.56
C VAL B 228 -7.43 37.43 -2.35
N PRO B 229 -7.22 36.12 -2.55
CA PRO B 229 -6.97 35.20 -1.42
C PRO B 229 -5.56 35.30 -0.82
N GLU B 230 -4.59 35.80 -1.57
CA GLU B 230 -3.20 35.79 -1.12
C GLU B 230 -2.94 36.76 0.03
N GLY B 231 -3.73 37.83 0.10
CA GLY B 231 -3.58 38.85 1.13
C GLY B 231 -4.74 38.91 2.10
N ARG B 232 -5.00 37.76 2.74
CA ARG B 232 -6.10 37.61 3.69
C ARG B 232 -5.69 38.07 5.09
N THR B 233 -6.52 38.91 5.68
CA THR B 233 -6.24 39.43 7.02
C THR B 233 -7.05 38.62 8.03
N ASN B 234 -8.20 38.09 7.59
CA ASN B 234 -9.13 37.38 8.48
C ASN B 234 -9.09 35.84 8.39
N PHE B 235 -8.67 35.15 9.44
CA PHE B 235 -8.60 33.68 9.45
C PHE B 235 -9.65 32.99 10.33
N ASP B 236 -10.72 33.70 10.61
CA ASP B 236 -11.78 33.20 11.46
C ASP B 236 -12.36 32.00 10.75
N ASN B 237 -12.69 30.95 11.51
CA ASN B 237 -13.36 29.80 10.94
C ASN B 237 -12.54 29.05 9.90
N ASP B 238 -11.25 28.87 10.20
CA ASP B 238 -10.35 28.22 9.28
C ASP B 238 -10.44 26.73 9.46
N ILE B 239 -11.55 26.16 8.99
CA ILE B 239 -11.77 24.73 9.13
C ILE B 239 -12.62 24.27 7.96
N ALA B 240 -12.43 23.01 7.55
CA ALA B 240 -13.18 22.40 6.46
C ALA B 240 -13.11 20.86 6.56
N LEU B 241 -14.11 20.18 6.01
CA LEU B 241 -14.13 18.72 6.01
C LEU B 241 -14.08 18.17 4.58
N VAL B 242 -13.29 17.13 4.36
CA VAL B 242 -13.30 16.43 3.08
C VAL B 242 -13.87 15.01 3.23
N ARG B 243 -14.90 14.71 2.42
CA ARG B 243 -15.48 13.34 2.36
C ARG B 243 -14.80 12.51 1.27
N LEU B 244 -14.32 11.34 1.64
CA LEU B 244 -13.66 10.45 0.69
C LEU B 244 -14.63 9.56 -0.11
N LYS B 245 -14.23 9.21 -1.33
CA LYS B 245 -15.02 8.29 -2.15
C LYS B 245 -14.97 6.92 -1.49
N ASP B 246 -13.76 6.44 -1.20
CA ASP B 246 -13.56 5.11 -0.63
C ASP B 246 -13.17 5.19 0.85
N PRO B 247 -13.59 4.20 1.66
CA PRO B 247 -13.20 4.27 3.07
C PRO B 247 -11.74 3.92 3.22
N VAL B 248 -11.07 4.42 4.26
CA VAL B 248 -9.66 4.12 4.47
C VAL B 248 -9.48 2.98 5.48
N LYS B 249 -8.84 1.91 5.05
CA LYS B 249 -8.53 0.82 5.96
C LYS B 249 -7.46 1.23 7.00
N MET B 250 -7.73 1.01 8.27
CA MET B 250 -6.83 1.42 9.34
C MET B 250 -5.75 0.37 9.61
N GLY B 251 -4.65 0.79 10.24
CA GLY B 251 -3.46 -0.02 10.42
C GLY B 251 -2.34 0.71 11.13
N PRO B 252 -1.15 0.07 11.22
CA PRO B 252 -0.08 0.68 12.03
C PRO B 252 0.41 2.07 11.61
N THR B 253 0.15 2.46 10.36
CA THR B 253 0.61 3.77 9.86
C THR B 253 -0.54 4.69 9.47
N VAL B 254 -1.77 4.21 9.59
CA VAL B 254 -2.95 5.01 9.25
C VAL B 254 -4.09 4.73 10.24
N SER B 255 -4.55 5.75 10.96
CA SER B 255 -5.66 5.65 11.92
C SER B 255 -6.13 7.05 12.35
N PRO B 256 -7.40 7.20 12.71
CA PRO B 256 -7.88 8.57 12.90
C PRO B 256 -7.40 9.20 14.20
N ILE B 257 -7.66 10.50 14.31
CA ILE B 257 -7.40 11.20 15.53
C ILE B 257 -8.76 11.51 16.11
N CYS B 258 -8.83 11.50 17.44
CA CYS B 258 -10.10 11.74 18.12
C CYS B 258 -10.53 13.16 17.96
N LEU B 259 -11.82 13.40 18.19
CA LEU B 259 -12.30 14.76 18.28
C LEU B 259 -12.35 15.15 19.74
N PRO B 260 -12.31 16.46 20.00
CA PRO B 260 -12.46 16.93 21.38
C PRO B 260 -13.89 16.75 21.81
N GLY B 261 -14.12 16.55 23.10
CA GLY B 261 -15.48 16.55 23.64
C GLY B 261 -16.04 17.96 23.79
N THR B 262 -17.30 18.05 24.20
CA THR B 262 -17.93 19.35 24.35
C THR B 262 -17.84 19.91 25.78
N SER B 263 -17.53 19.04 26.73
CA SER B 263 -17.48 19.41 28.15
C SER B 263 -16.31 20.34 28.45
N SER B 264 -16.33 20.93 29.63
CA SER B 264 -15.41 22.01 29.97
C SER B 264 -14.01 21.55 30.35
N ASP B 265 -13.82 20.26 30.52
CA ASP B 265 -12.47 19.78 30.79
C ASP B 265 -11.70 19.65 29.48
N TYR B 266 -12.38 19.97 28.37
CA TYR B 266 -11.74 20.02 27.07
C TYR B 266 -11.38 21.44 26.70
N ASN B 267 -11.50 22.36 27.67
CA ASN B 267 -10.96 23.69 27.47
C ASN B 267 -9.47 23.68 27.77
N LEU B 268 -8.71 24.57 27.16
CA LEU B 268 -7.27 24.49 27.34
C LEU B 268 -6.77 25.65 28.17
N MET B 269 -5.83 25.32 29.05
CA MET B 269 -5.17 26.28 29.90
C MET B 269 -3.80 26.55 29.28
N ASP B 270 -3.24 27.74 29.54
CA ASP B 270 -1.94 28.12 28.99
C ASP B 270 -0.81 27.19 29.42
N GLY B 271 0.04 26.84 28.47
CA GLY B 271 1.20 25.99 28.70
C GLY B 271 1.08 24.53 28.31
N ASP B 272 -0.15 24.05 28.06
CA ASP B 272 -0.40 22.68 27.61
C ASP B 272 0.27 22.34 26.26
N LEU B 273 0.98 21.22 26.19
CA LEU B 273 1.70 20.89 24.96
C LEU B 273 0.84 20.21 23.91
N GLY B 274 0.99 20.69 22.69
CA GLY B 274 0.36 20.12 21.52
C GLY B 274 1.44 19.83 20.51
N LEU B 275 1.21 18.80 19.73
CA LEU B 275 2.14 18.38 18.70
C LEU B 275 1.70 18.80 17.32
N ILE B 276 2.63 19.31 16.52
CA ILE B 276 2.41 19.53 15.09
C ILE B 276 3.35 18.67 14.26
N SER B 277 3.01 18.45 12.98
CA SER B 277 3.78 17.53 12.15
C SER B 277 3.68 17.85 10.66
N GLY B 278 4.73 17.51 9.89
CA GLY B 278 4.71 17.70 8.44
C GLY B 278 6.00 17.51 7.64
N TRP B 279 5.94 17.80 6.34
CA TRP B 279 7.11 17.58 5.50
C TRP B 279 7.80 18.90 5.16
N GLY B 280 7.24 19.98 5.69
CA GLY B 280 7.79 21.31 5.55
C GLY B 280 6.95 22.14 4.62
N ARG B 281 7.12 23.46 4.67
CA ARG B 281 6.37 24.34 3.79
C ARG B 281 6.95 24.51 2.40
N THR B 282 8.28 24.58 2.29
CA THR B 282 8.94 24.94 1.04
C THR B 282 9.32 23.84 0.03
N GLU B 283 8.86 22.61 0.24
CA GLU B 283 9.13 21.50 -0.70
C GLU B 283 10.62 21.29 -1.06
N ASP B 286 11.89 17.03 -5.43
CA ASP B 286 12.89 16.43 -6.30
C ASP B 286 13.71 15.41 -5.51
N ARG B 287 13.48 15.37 -4.21
CA ARG B 287 14.18 14.44 -3.32
C ARG B 287 13.17 13.78 -2.40
N ALA B 288 13.59 12.76 -1.64
CA ALA B 288 12.66 12.23 -0.65
C ALA B 288 12.85 13.02 0.63
N VAL B 289 11.75 13.45 1.23
CA VAL B 289 11.78 14.16 2.49
C VAL B 289 11.08 13.34 3.56
N ARG B 290 11.75 13.07 4.68
CA ARG B 290 11.08 12.34 5.74
C ARG B 290 10.32 13.33 6.59
N LEU B 291 9.21 12.84 7.16
CA LEU B 291 8.28 13.62 7.94
C LEU B 291 8.91 14.19 9.20
N LYS B 292 8.46 15.38 9.59
CA LYS B 292 9.00 16.06 10.75
C LYS B 292 7.90 16.58 11.67
N ALA B 293 8.25 16.72 12.95
CA ALA B 293 7.33 17.22 13.98
C ALA B 293 8.02 18.14 14.99
N ALA B 294 7.22 18.88 15.74
CA ALA B 294 7.71 19.76 16.81
C ALA B 294 6.63 19.88 17.88
N ARG B 295 7.03 20.10 19.13
CA ARG B 295 6.10 20.19 20.26
C ARG B 295 6.04 21.63 20.75
N LEU B 296 4.83 22.18 20.80
CA LEU B 296 4.61 23.61 21.09
C LEU B 296 3.66 23.84 22.27
N PRO B 297 3.94 24.85 23.11
CA PRO B 297 3.02 25.19 24.21
C PRO B 297 1.93 26.21 23.84
N VAL B 298 0.73 26.01 24.38
CA VAL B 298 -0.34 27.00 24.27
C VAL B 298 0.05 28.30 24.96
N ALA B 299 -0.31 29.42 24.35
CA ALA B 299 -0.03 30.75 24.89
C ALA B 299 -1.27 31.63 24.67
N PRO B 300 -1.49 32.65 25.52
CA PRO B 300 -2.70 33.49 25.43
C PRO B 300 -2.72 34.19 24.08
N LEU B 301 -3.90 34.47 23.54
CA LEU B 301 -4.00 34.97 22.18
C LEU B 301 -3.25 36.28 21.93
N ARG B 302 -3.16 37.13 22.96
CA ARG B 302 -2.50 38.42 22.82
CA ARG B 302 -2.50 38.42 22.82
C ARG B 302 -1.09 38.27 22.22
N LYS B 303 -0.43 37.18 22.58
CA LYS B 303 0.96 36.95 22.19
C LYS B 303 1.24 36.74 20.67
N CYS B 304 0.22 36.82 19.81
CA CYS B 304 0.44 36.54 18.39
CA CYS B 304 0.41 36.55 18.38
C CYS B 304 0.50 37.83 17.54
N LYS B 305 1.58 38.60 17.68
CA LYS B 305 1.77 39.82 16.87
C LYS B 305 3.16 40.02 16.24
N GLU B 306 3.32 39.77 14.93
CA GLU B 306 4.59 40.07 14.25
C GLU B 306 4.45 40.70 12.85
N VAL B 307 3.59 40.13 12.01
CA VAL B 307 3.20 40.73 10.71
C VAL B 307 1.70 40.68 10.50
N VAL B 320 -6.73 39.92 12.28
CA VAL B 320 -7.79 39.84 13.29
C VAL B 320 -7.76 38.51 14.10
N PHE B 321 -8.17 38.59 15.37
CA PHE B 321 -8.15 37.42 16.26
C PHE B 321 -9.43 37.28 17.11
N THR B 322 -9.95 36.03 17.14
CA THR B 322 -11.19 35.68 17.82
C THR B 322 -10.95 34.52 18.80
N PRO B 323 -11.90 34.28 19.72
CA PRO B 323 -11.90 33.10 20.61
C PRO B 323 -12.00 31.73 19.90
N ASN B 324 -12.20 31.73 18.57
CA ASN B 324 -12.19 30.51 17.78
C ASN B 324 -10.78 30.07 17.41
N MET B 325 -9.79 30.62 18.14
CA MET B 325 -8.38 30.36 17.85
C MET B 325 -7.51 30.02 19.06
N ILE B 326 -6.50 29.18 18.83
CA ILE B 326 -5.54 28.82 19.86
C ILE B 326 -4.19 29.35 19.35
N CYS B 327 -3.43 30.04 20.19
CA CYS B 327 -2.08 30.46 19.81
C CYS B 327 -1.05 29.58 20.52
N ALA B 328 0.06 29.23 19.88
CA ALA B 328 1.05 28.38 20.54
C ALA B 328 2.48 28.67 20.11
N GLY B 329 3.40 28.47 21.03
CA GLY B 329 4.83 28.67 20.78
C GLY B 329 5.51 29.84 21.49
N GLY B 330 6.66 30.24 20.97
CA GLY B 330 7.34 31.41 21.49
C GLY B 330 8.86 31.45 21.53
N GLU B 331 9.49 30.36 21.95
CA GLU B 331 10.96 30.33 22.11
C GLU B 331 11.70 30.18 20.78
N LYS B 332 13.02 30.27 20.82
CA LYS B 332 13.81 30.19 19.60
N MET B 334 11.87 27.30 18.68
CA MET B 334 10.55 26.79 18.28
C MET B 334 10.22 27.13 16.83
N ASP B 335 9.49 26.24 16.16
CA ASP B 335 9.25 26.39 14.74
C ASP B 335 7.87 25.86 14.35
N SER B 336 6.92 26.76 14.13
CA SER B 336 5.57 26.33 13.77
C SER B 336 5.45 25.92 12.30
N CYS B 337 6.44 26.32 11.48
CA CYS B 337 6.49 25.91 10.07
C CYS B 337 6.55 24.40 9.85
N LYS B 338 6.97 23.66 10.87
CA LYS B 338 7.07 22.21 10.74
C LYS B 338 5.66 21.60 10.58
N GLY B 339 4.67 22.33 11.09
CA GLY B 339 3.29 21.90 11.06
C GLY B 339 2.59 22.35 9.79
N ASP B 340 2.36 21.39 8.90
CA ASP B 340 1.79 21.65 7.58
C ASP B 340 0.41 22.28 7.76
N SER B 341 0.12 23.25 6.91
CA SER B 341 -1.15 23.95 6.93
C SER B 341 -2.33 22.96 6.81
N GLY B 342 -3.27 23.07 7.74
CA GLY B 342 -4.48 22.24 7.76
C GLY B 342 -4.36 20.98 8.60
N GLY B 343 -3.15 20.68 9.04
CA GLY B 343 -2.85 19.54 9.90
C GLY B 343 -3.29 19.77 11.33
N ALA B 344 -3.03 18.80 12.20
CA ALA B 344 -3.61 18.78 13.55
C ALA B 344 -2.68 19.23 14.68
N PHE B 345 -3.18 20.12 15.52
CA PHE B 345 -2.52 20.44 16.77
C PHE B 345 -3.00 19.38 17.77
N ALA B 346 -2.18 18.38 17.98
CA ALA B 346 -2.58 17.19 18.74
C ALA B 346 -2.28 17.30 20.22
N VAL B 347 -3.34 17.27 21.01
CA VAL B 347 -3.25 17.36 22.47
C VAL B 347 -3.70 16.04 23.09
N GLN B 348 -3.09 15.64 24.20
CA GLN B 348 -3.48 14.42 24.91
C GLN B 348 -4.85 14.53 25.53
N ASP B 349 -5.67 13.51 25.37
CA ASP B 349 -7.00 13.50 25.95
C ASP B 349 -6.89 13.58 27.47
N PRO B 350 -7.76 14.38 28.09
CA PRO B 350 -7.69 14.63 29.55
C PRO B 350 -8.08 13.39 30.37
N ASN B 351 -8.95 12.55 29.82
CA ASN B 351 -9.44 11.37 30.53
C ASN B 351 -8.62 10.11 30.20
N ASP B 352 -7.82 10.22 29.14
CA ASP B 352 -7.01 9.10 28.64
C ASP B 352 -5.66 9.58 28.12
N LYS B 353 -4.60 9.42 28.91
CA LYS B 353 -3.28 9.93 28.55
C LYS B 353 -2.69 9.18 27.36
N THR B 354 -3.38 8.14 26.91
CA THR B 354 -2.87 7.24 25.87
C THR B 354 -3.40 7.60 24.49
N LYS B 355 -4.47 8.41 24.45
CA LYS B 355 -5.04 8.86 23.18
C LYS B 355 -4.96 10.39 22.97
N PHE B 356 -4.81 10.77 21.71
CA PHE B 356 -4.68 12.16 21.32
C PHE B 356 -5.95 12.63 20.62
N TYR B 357 -6.21 13.93 20.65
CA TYR B 357 -7.33 14.47 19.90
C TYR B 357 -6.86 15.74 19.19
N ALA B 358 -7.64 16.22 18.24
CA ALA B 358 -7.27 17.41 17.49
C ALA B 358 -7.81 18.64 18.21
N ALA B 359 -6.97 19.34 18.94
CA ALA B 359 -7.45 20.56 19.58
C ALA B 359 -7.48 21.70 18.58
N GLY B 360 -6.48 21.72 17.71
CA GLY B 360 -6.33 22.75 16.71
C GLY B 360 -6.03 22.24 15.32
N LEU B 361 -6.40 23.02 14.32
CA LEU B 361 -5.87 22.83 12.97
C LEU B 361 -4.86 23.93 12.57
N VAL B 362 -3.76 23.54 11.90
CA VAL B 362 -2.68 24.49 11.57
C VAL B 362 -3.17 25.55 10.60
N SER B 363 -3.21 26.78 11.08
CA SER B 363 -3.83 27.86 10.35
C SER B 363 -2.81 28.88 9.85
N TRP B 364 -3.30 30.09 9.59
CA TRP B 364 -2.46 31.26 9.36
C TRP B 364 -1.74 31.29 8.02
N GLY B 365 -2.29 30.63 7.00
CA GLY B 365 -1.67 30.60 5.67
C GLY B 365 -0.16 30.41 5.70
N PRO B 366 0.62 31.34 5.09
CA PRO B 366 2.08 31.20 4.99
C PRO B 366 2.79 31.60 6.27
N GLN B 367 2.17 32.45 7.08
CA GLN B 367 2.80 32.94 8.31
C GLN B 367 3.14 31.81 9.26
N CYS B 368 4.43 31.72 9.62
CA CYS B 368 4.87 30.72 10.60
C CYS B 368 6.21 31.09 11.17
N GLY B 369 6.63 30.33 12.17
CA GLY B 369 7.88 30.60 12.86
C GLY B 369 7.57 31.10 14.26
N THR B 370 8.40 30.71 15.21
CA THR B 370 8.29 31.15 16.62
C THR B 370 6.93 30.97 17.29
N TYR B 371 5.90 31.57 16.70
CA TYR B 371 4.52 31.37 17.11
C TYR B 371 3.66 30.79 15.98
N GLY B 372 2.75 29.90 16.35
CA GLY B 372 1.75 29.37 15.42
C GLY B 372 0.32 29.68 15.84
N LEU B 373 -0.60 29.70 14.87
CA LEU B 373 -2.00 29.97 15.14
C LEU B 373 -2.86 28.78 14.69
N TYR B 374 -3.88 28.41 15.46
CA TYR B 374 -4.60 27.16 15.18
C TYR B 374 -6.12 27.27 15.39
N THR B 375 -6.88 26.75 14.43
CA THR B 375 -8.32 26.72 14.57
C THR B 375 -8.73 25.89 15.77
N ARG B 376 -9.52 26.48 16.68
CA ARG B 376 -9.94 25.78 17.89
C ARG B 376 -11.06 24.75 17.61
N VAL B 377 -10.68 23.49 17.52
CA VAL B 377 -11.61 22.48 17.05
C VAL B 377 -12.89 22.33 17.90
N LYS B 378 -12.76 22.43 19.22
CA LYS B 378 -13.90 22.29 20.14
C LYS B 378 -15.09 23.18 19.74
N ASN B 379 -14.84 24.38 19.22
CA ASN B 379 -15.97 25.23 18.84
C ASN B 379 -16.68 24.80 17.57
N TYR B 380 -16.20 23.75 16.93
CA TYR B 380 -16.75 23.33 15.63
C TYR B 380 -17.30 21.89 15.65
N VAL B 381 -17.30 21.29 16.83
CA VAL B 381 -17.69 19.90 16.96
C VAL B 381 -19.11 19.61 16.44
N ASP B 382 -20.06 20.49 16.75
CA ASP B 382 -21.42 20.37 16.28
C ASP B 382 -21.44 20.46 14.77
N TRP B 383 -20.75 21.44 14.23
CA TRP B 383 -20.68 21.56 12.79
C TRP B 383 -20.02 20.36 12.12
N ILE B 384 -19.01 19.82 12.80
CA ILE B 384 -18.35 18.67 12.27
C ILE B 384 -19.32 17.47 12.28
N MET B 385 -19.88 17.16 13.46
CA MET B 385 -20.82 16.05 13.57
C MET B 385 -22.00 16.17 12.65
N LYS B 386 -22.60 17.36 12.62
CA LYS B 386 -23.76 17.64 11.78
C LYS B 386 -23.43 17.37 10.34
N THR B 387 -22.30 17.87 9.88
CA THR B 387 -21.95 17.63 8.48
C THR B 387 -21.78 16.13 8.16
N MET B 388 -21.12 15.38 9.03
CA MET B 388 -20.88 13.95 8.77
C MET B 388 -22.15 13.11 8.76
N GLN B 389 -23.11 13.49 9.58
CA GLN B 389 -24.37 12.75 9.68
C GLN B 389 -25.31 13.00 8.50
N GLU B 390 -25.24 14.19 7.92
CA GLU B 390 -26.14 14.55 6.84
C GLU B 390 -25.53 14.24 5.46
N ASN B 391 -24.36 13.62 5.44
CA ASN B 391 -23.82 13.15 4.17
C ASN B 391 -23.19 11.75 4.26
N SER B 392 -23.97 10.76 4.71
CA SER B 392 -23.51 9.37 4.86
C SER B 392 -23.68 8.60 3.54
#